data_6TRS
#
_entry.id   6TRS
#
_cell.length_a   74.216
_cell.length_b   85.954
_cell.length_c   92.172
_cell.angle_alpha   90.000
_cell.angle_beta   94.930
_cell.angle_gamma   90.000
#
_symmetry.space_group_name_H-M   'P 1 21 1'
#
loop_
_entity.id
_entity.type
_entity.pdbx_description
1 polymer 'RNA polymerase II transcription factor B subunit 2'
2 polymer 'Uncharacterized protein'
#
loop_
_entity_poly.entity_id
_entity_poly.type
_entity_poly.pdbx_seq_one_letter_code
_entity_poly.pdbx_strand_id
1 'polypeptide(L)'
;MKHHHHHHPMSDYDIPTTENLYFQGAAAHNSFGVPSSLPVDPRIDIAFLDNYARKKWEDILHYVVSSVPVHGDAGPGGMG
GGGPKASVKDLLLAGRLVERRPDTKTGIGITQAGFTFLLQEANAQVWTLLLLWLEAADQAKAAAAAASGVDPKNAPPTKP
DSIEMLSFLFMLASLELGRAYDTDALSETRRNMLPALVDFGLIYIPREDTRQYFPTRLATTLTSSASALRSVSSGFTAAT
NNTANSNGNGGGADPSAHKGSIIIETNYRLYAYTSSPLQIAVLALFTHLNMRFAGMVTGRLTRESIRRAISFGITADQII
SYLASHAHEQMVRAAAAAGRPVLPPTVVDQIRLWQLENERMRTSPGFLFKDFENVEEYMALAGYAEEIGVLVWRSDRKRM
FFASKFEQLRDYLKSRKKEG
;
A,B
2 'polypeptide(L)'
;MKHHHHHHPMSDYDIPTTENLYFQGAMVRAIRGVLIECEPAIKSIIVHLDSINHDFIIEDLDDHHLVVKENMVQILKQKL
EDRLRETYRPEEPLADSD
;
D
#
# COMPACT_ATOMS: atom_id res chain seq x y z
N ILE A 15 -18.29 -10.53 11.20
CA ILE A 15 -18.11 -10.72 12.63
C ILE A 15 -16.77 -10.12 13.16
N PRO A 16 -15.56 -10.45 12.62
CA PRO A 16 -14.36 -9.96 13.28
C PRO A 16 -13.78 -8.64 12.76
N THR A 17 -13.39 -7.77 13.71
CA THR A 17 -12.78 -6.46 13.44
C THR A 17 -11.26 -6.59 13.32
N THR A 18 -10.56 -5.48 13.04
CA THR A 18 -9.10 -5.39 12.91
C THR A 18 -8.40 -5.82 14.22
N GLU A 19 -8.94 -5.37 15.38
CA GLU A 19 -8.44 -5.67 16.72
C GLU A 19 -8.54 -7.17 17.01
N ASN A 20 -9.63 -7.81 16.55
CA ASN A 20 -9.91 -9.24 16.72
C ASN A 20 -8.90 -10.11 15.96
N LEU A 21 -8.62 -9.76 14.68
CA LEU A 21 -7.68 -10.48 13.82
C LEU A 21 -6.23 -10.30 14.30
N TYR A 22 -5.90 -9.13 14.88
CA TYR A 22 -4.55 -8.84 15.40
C TYR A 22 -4.29 -9.67 16.65
N PHE A 23 -5.22 -9.63 17.63
CA PHE A 23 -5.15 -10.38 18.89
C PHE A 23 -5.07 -11.89 18.64
N GLN A 24 -5.73 -12.37 17.57
CA GLN A 24 -5.75 -13.77 17.13
C GLN A 24 -4.37 -14.19 16.59
N GLY A 25 -3.75 -13.33 15.79
CA GLY A 25 -2.44 -13.56 15.20
C GLY A 25 -1.30 -13.46 16.20
N ALA A 26 -1.47 -12.58 17.22
CA ALA A 26 -0.49 -12.37 18.29
C ALA A 26 -0.47 -13.55 19.27
N ALA A 27 -1.67 -14.04 19.67
CA ALA A 27 -1.82 -15.17 20.59
C ALA A 27 -1.55 -16.53 19.92
N ALA A 28 -1.63 -16.59 18.56
CA ALA A 28 -1.42 -17.78 17.73
C ALA A 28 -0.11 -18.53 18.03
N HIS A 29 0.95 -17.79 18.38
CA HIS A 29 2.25 -18.34 18.72
C HIS A 29 2.51 -18.11 20.21
N ASN A 30 2.76 -19.21 20.94
CA ASN A 30 2.94 -19.22 22.40
C ASN A 30 4.24 -18.56 22.90
N SER A 31 5.23 -18.33 22.02
CA SER A 31 6.49 -17.68 22.41
C SER A 31 6.29 -16.17 22.60
N PHE A 32 6.75 -15.63 23.75
CA PHE A 32 6.65 -14.22 24.09
C PHE A 32 7.90 -13.68 24.79
N GLY A 33 8.07 -12.35 24.74
CA GLY A 33 9.19 -11.61 25.29
C GLY A 33 9.44 -11.81 26.78
N VAL A 34 10.54 -12.51 27.10
CA VAL A 34 10.95 -12.82 28.46
C VAL A 34 11.88 -11.71 28.97
N PRO A 35 11.53 -11.05 30.10
CA PRO A 35 12.41 -9.99 30.63
C PRO A 35 13.66 -10.56 31.30
N SER A 36 14.82 -9.92 31.07
CA SER A 36 16.10 -10.36 31.61
C SER A 36 16.20 -10.18 33.13
N SER A 37 16.49 -11.29 33.84
CA SER A 37 16.66 -11.33 35.29
C SER A 37 17.99 -10.68 35.73
N LEU A 38 18.90 -10.48 34.77
CA LEU A 38 20.22 -9.85 34.96
C LEU A 38 20.08 -8.35 35.17
N PRO A 39 21.01 -7.70 35.94
CA PRO A 39 20.93 -6.24 36.14
C PRO A 39 21.15 -5.46 34.83
N VAL A 40 20.56 -4.27 34.75
CA VAL A 40 20.62 -3.41 33.56
C VAL A 40 21.60 -2.26 33.76
N ASP A 41 22.42 -1.97 32.73
CA ASP A 41 23.37 -0.86 32.71
C ASP A 41 22.57 0.44 32.78
N PRO A 42 22.85 1.33 33.78
CA PRO A 42 22.06 2.57 33.93
C PRO A 42 22.12 3.51 32.74
N ARG A 43 23.22 3.45 31.95
CA ARG A 43 23.41 4.32 30.79
C ARG A 43 22.52 3.92 29.59
N ILE A 44 21.81 2.77 29.66
CA ILE A 44 20.86 2.34 28.63
C ILE A 44 19.46 2.74 29.09
N ASP A 45 19.11 4.02 28.88
CA ASP A 45 17.81 4.60 29.25
C ASP A 45 16.95 4.86 28.00
N ILE A 46 15.66 5.22 28.19
CA ILE A 46 14.72 5.50 27.08
C ILE A 46 15.22 6.65 26.19
N ALA A 47 15.98 7.62 26.78
CA ALA A 47 16.58 8.74 26.06
C ALA A 47 17.66 8.25 25.09
N PHE A 48 18.54 7.33 25.54
CA PHE A 48 19.62 6.72 24.76
C PHE A 48 19.05 5.93 23.57
N LEU A 49 18.09 5.02 23.84
CA LEU A 49 17.44 4.16 22.85
C LEU A 49 16.71 4.96 21.76
N ASP A 50 16.21 6.17 22.10
CA ASP A 50 15.54 7.08 21.16
C ASP A 50 16.58 7.72 20.23
N ASN A 51 17.78 8.05 20.78
CA ASN A 51 18.91 8.63 20.04
C ASN A 51 19.50 7.57 19.11
N TYR A 52 19.67 6.32 19.63
CA TYR A 52 20.19 5.17 18.88
C TYR A 52 19.33 4.89 17.65
N ALA A 53 18.00 4.77 17.84
CA ALA A 53 17.02 4.51 16.79
C ALA A 53 16.99 5.64 15.77
N ARG A 54 17.19 6.90 16.23
CA ARG A 54 17.23 8.10 15.39
C ARG A 54 18.47 8.06 14.50
N LYS A 55 19.64 7.75 15.09
CA LYS A 55 20.93 7.66 14.38
C LYS A 55 20.92 6.55 13.32
N LYS A 56 20.27 5.42 13.61
CA LYS A 56 20.16 4.30 12.67
C LYS A 56 19.38 4.70 11.42
N TRP A 57 18.25 5.40 11.63
CA TRP A 57 17.38 5.85 10.54
C TRP A 57 17.91 7.06 9.79
N GLU A 58 18.71 7.91 10.46
CA GLU A 58 19.33 9.07 9.81
C GLU A 58 20.34 8.62 8.75
N ASP A 59 21.04 7.47 9.00
CA ASP A 59 22.01 6.86 8.09
C ASP A 59 21.29 6.30 6.86
N ILE A 60 20.16 5.58 7.07
CA ILE A 60 19.32 5.00 6.02
C ILE A 60 18.82 6.12 5.12
N LEU A 61 18.26 7.19 5.73
CA LEU A 61 17.74 8.37 5.03
C LEU A 61 18.83 9.15 4.30
N HIS A 62 20.05 9.24 4.88
CA HIS A 62 21.17 9.93 4.25
C HIS A 62 21.61 9.20 2.98
N TYR A 63 21.60 7.85 3.00
CA TYR A 63 21.93 6.98 1.86
C TYR A 63 20.94 7.20 0.70
N VAL A 64 19.66 7.41 1.03
CA VAL A 64 18.58 7.66 0.08
C VAL A 64 18.78 9.08 -0.52
N VAL A 65 19.10 10.07 0.35
CA VAL A 65 19.35 11.45 -0.06
C VAL A 65 20.64 11.56 -0.92
N SER A 66 21.60 10.63 -0.72
CA SER A 66 22.86 10.54 -1.46
C SER A 66 22.65 10.23 -2.95
N SER A 67 21.56 9.50 -3.28
CA SER A 67 21.22 9.11 -4.66
C SER A 67 20.49 10.19 -5.46
N VAL A 68 20.11 11.31 -4.81
CA VAL A 68 19.42 12.45 -5.45
C VAL A 68 20.41 13.18 -6.38
N PRO A 69 20.07 13.40 -7.69
CA PRO A 69 21.02 14.07 -8.59
C PRO A 69 21.37 15.50 -8.16
N VAL A 70 22.68 15.83 -8.20
CA VAL A 70 23.21 17.15 -7.82
C VAL A 70 23.77 17.87 -9.06
N HIS A 71 24.67 17.20 -9.81
CA HIS A 71 25.32 17.69 -11.04
C HIS A 71 26.05 16.57 -11.76
N GLY A 82 30.80 3.99 6.70
CA GLY A 82 30.24 5.26 6.24
C GLY A 82 28.85 5.18 5.63
N GLY A 83 28.22 4.01 5.70
CA GLY A 83 26.88 3.79 5.20
C GLY A 83 26.14 2.67 5.90
N PRO A 84 24.82 2.48 5.63
CA PRO A 84 24.09 1.38 6.28
C PRO A 84 24.52 0.02 5.75
N LYS A 85 24.38 -1.04 6.58
CA LYS A 85 24.78 -2.41 6.22
C LYS A 85 24.07 -2.97 4.99
N ALA A 86 24.62 -4.05 4.40
CA ALA A 86 24.08 -4.74 3.21
C ALA A 86 22.61 -5.16 3.37
N SER A 87 22.18 -5.43 4.62
CA SER A 87 20.80 -5.79 4.98
C SER A 87 19.80 -4.67 4.66
N VAL A 88 20.26 -3.41 4.64
CA VAL A 88 19.44 -2.24 4.35
C VAL A 88 19.64 -1.77 2.90
N LYS A 89 20.91 -1.63 2.45
CA LYS A 89 21.28 -1.19 1.10
C LYS A 89 20.62 -2.03 -0.01
N ASP A 90 20.56 -3.36 0.17
CA ASP A 90 19.97 -4.28 -0.81
C ASP A 90 18.45 -4.23 -0.85
N LEU A 91 17.77 -4.06 0.32
CA LEU A 91 16.31 -3.98 0.39
C LEU A 91 15.76 -2.73 -0.28
N LEU A 92 16.50 -1.61 -0.20
CA LEU A 92 16.12 -0.34 -0.83
C LEU A 92 16.25 -0.46 -2.35
N LEU A 93 17.30 -1.17 -2.81
CA LEU A 93 17.59 -1.41 -4.22
C LEU A 93 16.57 -2.36 -4.85
N ALA A 94 16.31 -3.51 -4.19
CA ALA A 94 15.35 -4.54 -4.65
C ALA A 94 13.90 -4.07 -4.54
N GLY A 95 13.65 -3.15 -3.60
CA GLY A 95 12.34 -2.56 -3.36
C GLY A 95 12.02 -1.39 -4.26
N ARG A 96 12.86 -1.16 -5.31
CA ARG A 96 12.77 -0.09 -6.31
C ARG A 96 12.65 1.31 -5.71
N LEU A 97 13.19 1.49 -4.49
CA LEU A 97 13.20 2.78 -3.80
C LEU A 97 14.38 3.60 -4.31
N VAL A 98 15.45 2.90 -4.71
CA VAL A 98 16.69 3.47 -5.29
C VAL A 98 17.15 2.48 -6.39
N GLU A 99 17.32 2.98 -7.62
CA GLU A 99 17.76 2.17 -8.78
C GLU A 99 19.27 2.26 -8.97
N ARG A 100 19.87 1.18 -9.49
CA ARG A 100 21.31 1.10 -9.74
C ARG A 100 21.64 1.91 -11.00
N ARG A 101 22.60 2.84 -10.89
CA ARG A 101 23.02 3.69 -12.01
C ARG A 101 24.51 3.48 -12.32
N PRO A 102 24.88 3.14 -13.58
CA PRO A 102 26.30 2.90 -13.88
C PRO A 102 27.11 4.15 -14.28
N ASP A 103 26.50 5.35 -14.22
CA ASP A 103 27.15 6.61 -14.58
C ASP A 103 27.66 7.41 -13.36
N THR A 104 26.86 7.49 -12.28
CA THR A 104 27.17 8.23 -11.04
C THR A 104 28.41 7.74 -10.30
N LYS A 105 29.06 8.64 -9.53
CA LYS A 105 30.24 8.34 -8.70
C LYS A 105 29.81 7.42 -7.54
N THR A 106 28.59 7.65 -7.01
CA THR A 106 27.95 6.88 -5.96
C THR A 106 27.42 5.52 -6.49
N GLY A 107 27.12 5.47 -7.80
CA GLY A 107 26.63 4.28 -8.48
C GLY A 107 25.16 3.95 -8.25
N ILE A 108 24.40 4.90 -7.67
CA ILE A 108 22.96 4.77 -7.36
C ILE A 108 22.15 6.03 -7.73
N GLY A 109 20.87 5.84 -8.01
CA GLY A 109 19.95 6.90 -8.36
C GLY A 109 18.58 6.74 -7.71
N ILE A 110 18.03 7.84 -7.16
CA ILE A 110 16.72 7.85 -6.48
C ILE A 110 15.57 7.64 -7.50
N THR A 111 14.49 6.99 -7.05
CA THR A 111 13.30 6.74 -7.85
C THR A 111 12.13 7.60 -7.35
N GLN A 112 10.93 7.41 -7.94
CA GLN A 112 9.70 8.09 -7.55
C GLN A 112 9.30 7.64 -6.15
N ALA A 113 9.45 6.32 -5.87
CA ALA A 113 9.18 5.69 -4.57
C ALA A 113 10.13 6.18 -3.49
N GLY A 114 11.35 6.56 -3.90
CA GLY A 114 12.39 7.09 -3.02
C GLY A 114 12.00 8.42 -2.40
N PHE A 115 11.45 9.34 -3.22
CA PHE A 115 10.98 10.65 -2.76
C PHE A 115 9.74 10.51 -1.89
N THR A 116 8.87 9.53 -2.22
CA THR A 116 7.64 9.20 -1.47
C THR A 116 8.05 8.72 -0.08
N PHE A 117 9.06 7.83 -0.02
CA PHE A 117 9.65 7.27 1.19
C PHE A 117 10.18 8.37 2.11
N LEU A 118 10.81 9.41 1.53
CA LEU A 118 11.37 10.55 2.27
C LEU A 118 10.29 11.38 2.96
N LEU A 119 9.12 11.53 2.30
CA LEU A 119 7.99 12.30 2.83
C LEU A 119 7.12 11.51 3.81
N GLN A 120 7.35 10.19 3.90
CA GLN A 120 6.64 9.28 4.79
C GLN A 120 7.02 9.53 6.25
N GLU A 121 6.11 9.28 7.19
CA GLU A 121 6.39 9.45 8.62
C GLU A 121 7.25 8.27 9.15
N ALA A 122 7.79 8.41 10.37
CA ALA A 122 8.68 7.42 11.02
C ALA A 122 8.17 5.96 10.99
N ASN A 123 6.90 5.71 11.36
CA ASN A 123 6.29 4.36 11.41
C ASN A 123 6.15 3.71 10.03
N ALA A 124 5.71 4.50 9.03
CA ALA A 124 5.50 4.05 7.65
C ALA A 124 6.80 3.64 6.99
N GLN A 125 7.90 4.37 7.29
CA GLN A 125 9.23 4.09 6.75
C GLN A 125 9.74 2.73 7.22
N VAL A 126 9.43 2.37 8.50
CA VAL A 126 9.81 1.09 9.11
C VAL A 126 9.05 -0.04 8.41
N TRP A 127 7.73 0.16 8.15
CA TRP A 127 6.90 -0.82 7.47
C TRP A 127 7.25 -1.00 5.99
N THR A 128 7.89 0.01 5.36
CA THR A 128 8.34 -0.10 3.97
C THR A 128 9.47 -1.13 3.97
N LEU A 129 10.46 -0.94 4.88
CA LEU A 129 11.62 -1.81 5.05
C LEU A 129 11.25 -3.21 5.55
N LEU A 130 10.28 -3.32 6.49
CA LEU A 130 9.85 -4.60 7.06
C LEU A 130 9.15 -5.52 6.07
N LEU A 131 8.20 -4.98 5.28
CA LEU A 131 7.44 -5.72 4.27
C LEU A 131 8.33 -6.20 3.12
N LEU A 132 9.41 -5.44 2.80
CA LEU A 132 10.38 -5.81 1.77
C LEU A 132 11.30 -6.91 2.28
N TRP A 133 11.58 -6.90 3.60
CA TRP A 133 12.42 -7.87 4.31
C TRP A 133 11.73 -9.24 4.33
N LEU A 134 10.39 -9.22 4.48
CA LEU A 134 9.51 -10.39 4.48
C LEU A 134 9.44 -10.98 3.08
N GLU A 135 9.35 -10.10 2.05
CA GLU A 135 9.28 -10.40 0.63
C GLU A 135 10.56 -11.09 0.12
N ALA A 136 11.73 -10.63 0.62
CA ALA A 136 13.05 -11.14 0.25
C ALA A 136 13.27 -12.59 0.67
N ALA A 137 12.74 -12.97 1.84
CA ALA A 137 12.91 -14.33 2.34
C ALA A 137 12.08 -15.34 1.55
N ASP A 138 10.83 -14.97 1.15
CA ASP A 138 9.92 -15.81 0.37
C ASP A 138 10.44 -16.03 -1.05
N GLN A 139 11.12 -15.02 -1.62
CA GLN A 139 11.72 -15.08 -2.95
C GLN A 139 12.95 -16.01 -2.94
N ALA A 140 13.67 -16.05 -1.80
CA ALA A 140 14.84 -16.91 -1.57
C ALA A 140 14.37 -18.34 -1.27
N LYS A 141 13.16 -18.47 -0.70
CA LYS A 141 12.48 -19.72 -0.35
C LYS A 141 11.96 -20.39 -1.62
N ALA A 142 11.32 -19.60 -2.52
CA ALA A 142 10.77 -20.05 -3.80
C ALA A 142 11.87 -20.52 -4.76
N ALA A 143 13.06 -19.88 -4.70
CA ALA A 143 14.22 -20.22 -5.52
C ALA A 143 14.85 -21.55 -5.07
N ALA A 144 14.81 -21.83 -3.75
CA ALA A 144 15.34 -23.07 -3.16
C ALA A 144 14.37 -24.23 -3.34
N PRO A 160 14.60 -19.01 7.90
CA PRO A 160 13.70 -17.93 8.36
C PRO A 160 12.72 -17.46 7.28
N ASP A 161 11.45 -17.89 7.38
CA ASP A 161 10.36 -17.55 6.45
C ASP A 161 9.42 -16.48 7.02
N SER A 162 8.48 -15.96 6.19
CA SER A 162 7.52 -14.92 6.54
C SER A 162 6.76 -15.13 7.85
N ILE A 163 6.24 -16.36 8.08
CA ILE A 163 5.50 -16.77 9.27
C ILE A 163 6.31 -16.49 10.54
N GLU A 164 7.57 -16.97 10.57
CA GLU A 164 8.51 -16.80 11.67
C GLU A 164 8.87 -15.32 11.89
N MET A 165 9.11 -14.57 10.79
CA MET A 165 9.46 -13.15 10.83
C MET A 165 8.32 -12.28 11.36
N LEU A 166 7.08 -12.46 10.84
CA LEU A 166 5.87 -11.73 11.28
C LEU A 166 5.59 -11.97 12.77
N SER A 167 5.62 -13.25 13.21
CA SER A 167 5.39 -13.67 14.60
C SER A 167 6.38 -13.00 15.58
N PHE A 168 7.62 -12.76 15.14
CA PHE A 168 8.62 -12.10 15.96
C PHE A 168 8.32 -10.60 16.05
N LEU A 169 7.83 -10.00 14.94
CA LEU A 169 7.44 -8.58 14.90
C LEU A 169 6.21 -8.32 15.77
N PHE A 170 5.28 -9.29 15.80
CA PHE A 170 4.05 -9.25 16.60
C PHE A 170 4.39 -9.25 18.09
N MET A 171 5.38 -10.08 18.49
CA MET A 171 5.87 -10.20 19.85
C MET A 171 6.53 -8.90 20.29
N LEU A 172 7.41 -8.34 19.44
CA LEU A 172 8.15 -7.11 19.70
C LEU A 172 7.27 -5.91 19.95
N ALA A 173 6.13 -5.80 19.22
CA ALA A 173 5.17 -4.70 19.37
C ALA A 173 4.50 -4.66 20.75
N SER A 174 4.40 -5.83 21.42
CA SER A 174 3.82 -5.97 22.76
C SER A 174 4.85 -5.71 23.89
N LEU A 175 6.14 -5.53 23.54
CA LEU A 175 7.19 -5.28 24.53
C LEU A 175 7.14 -3.86 25.11
N GLU A 176 7.78 -3.67 26.29
CA GLU A 176 7.85 -2.41 27.01
C GLU A 176 9.17 -1.69 26.67
N LEU A 177 9.07 -0.42 26.26
CA LEU A 177 10.21 0.43 25.89
C LEU A 177 11.12 0.67 27.08
N GLY A 178 12.42 0.47 26.87
CA GLY A 178 13.46 0.66 27.87
C GLY A 178 13.82 -0.59 28.62
N ARG A 179 12.86 -1.52 28.77
CA ARG A 179 13.02 -2.79 29.48
C ARG A 179 14.00 -3.73 28.76
N ALA A 180 14.82 -4.44 29.54
CA ALA A 180 15.78 -5.40 29.00
C ALA A 180 15.12 -6.77 28.93
N TYR A 181 15.38 -7.50 27.85
CA TYR A 181 14.81 -8.82 27.64
C TYR A 181 15.88 -9.90 27.38
N ASP A 182 15.63 -11.12 27.87
CA ASP A 182 16.54 -12.27 27.77
C ASP A 182 16.66 -12.82 26.34
N THR A 183 17.88 -12.73 25.77
CA THR A 183 18.23 -13.19 24.42
C THR A 183 18.28 -14.72 24.37
N ASP A 184 18.57 -15.37 25.52
CA ASP A 184 18.63 -16.82 25.69
C ASP A 184 17.27 -17.45 25.40
N ALA A 185 16.18 -16.75 25.80
CA ALA A 185 14.79 -17.15 25.62
C ALA A 185 14.34 -17.28 24.17
N LEU A 186 14.98 -16.51 23.27
CA LEU A 186 14.69 -16.50 21.83
C LEU A 186 15.09 -17.80 21.16
N SER A 187 14.28 -18.24 20.17
CA SER A 187 14.55 -19.44 19.38
C SER A 187 15.71 -19.15 18.43
N GLU A 188 16.44 -20.20 17.97
CA GLU A 188 17.57 -20.04 17.05
C GLU A 188 17.23 -19.23 15.81
N THR A 189 16.03 -19.47 15.22
CA THR A 189 15.52 -18.75 14.05
C THR A 189 15.33 -17.26 14.38
N ARG A 190 14.79 -16.95 15.58
CA ARG A 190 14.57 -15.58 16.06
C ARG A 190 15.89 -14.89 16.37
N ARG A 191 16.89 -15.65 16.86
CA ARG A 191 18.23 -15.13 17.15
C ARG A 191 18.92 -14.71 15.84
N ASN A 192 18.69 -15.48 14.75
CA ASN A 192 19.25 -15.24 13.42
C ASN A 192 18.66 -13.97 12.76
N MET A 193 17.47 -13.52 13.22
CA MET A 193 16.78 -12.34 12.71
C MET A 193 17.29 -11.03 13.33
N LEU A 194 17.83 -11.09 14.57
CA LEU A 194 18.37 -9.95 15.33
C LEU A 194 19.34 -9.05 14.51
N PRO A 195 20.36 -9.57 13.77
CA PRO A 195 21.25 -8.66 13.02
C PRO A 195 20.54 -7.78 11.98
N ALA A 196 19.48 -8.31 11.32
CA ALA A 196 18.71 -7.54 10.34
C ALA A 196 17.78 -6.56 11.08
N LEU A 197 17.28 -6.96 12.27
CA LEU A 197 16.39 -6.14 13.09
C LEU A 197 17.10 -5.00 13.80
N VAL A 198 18.41 -5.17 14.08
CA VAL A 198 19.21 -4.08 14.67
C VAL A 198 19.54 -3.06 13.58
N ASP A 199 19.64 -3.53 12.31
CA ASP A 199 19.89 -2.73 11.12
C ASP A 199 18.72 -1.81 10.80
N PHE A 200 17.51 -2.16 11.29
CA PHE A 200 16.31 -1.35 11.10
C PHE A 200 16.04 -0.44 12.31
N GLY A 201 16.97 -0.45 13.28
CA GLY A 201 16.89 0.34 14.49
C GLY A 201 15.73 0.00 15.40
N LEU A 202 15.28 -1.26 15.35
CA LEU A 202 14.15 -1.76 16.14
C LEU A 202 14.60 -2.41 17.45
N ILE A 203 15.81 -3.01 17.45
CA ILE A 203 16.40 -3.67 18.62
C ILE A 203 17.81 -3.11 18.86
N TYR A 204 18.23 -3.05 20.13
CA TYR A 204 19.57 -2.63 20.53
C TYR A 204 20.17 -3.71 21.40
N ILE A 205 21.34 -4.23 21.00
CA ILE A 205 22.05 -5.26 21.76
C ILE A 205 23.44 -4.70 22.10
N PRO A 206 23.76 -4.53 23.41
CA PRO A 206 25.08 -3.99 23.79
C PRO A 206 26.24 -4.89 23.40
N ARG A 207 27.37 -4.28 23.02
CA ARG A 207 28.62 -4.94 22.64
C ARG A 207 29.18 -5.73 23.83
N GLU A 208 28.98 -5.18 25.05
CA GLU A 208 29.41 -5.72 26.34
C GLU A 208 28.61 -6.94 26.81
N ASP A 209 27.28 -6.95 26.62
CA ASP A 209 26.38 -8.00 27.08
C ASP A 209 25.33 -8.38 26.02
N THR A 210 25.62 -9.44 25.24
CA THR A 210 24.76 -9.97 24.19
C THR A 210 23.53 -10.71 24.77
N ARG A 211 23.56 -11.02 26.09
CA ARG A 211 22.51 -11.73 26.82
C ARG A 211 21.22 -10.92 26.95
N GLN A 212 21.30 -9.59 26.71
CA GLN A 212 20.16 -8.68 26.80
C GLN A 212 19.90 -7.97 25.47
N TYR A 213 18.61 -7.82 25.09
CA TYR A 213 18.16 -7.07 23.92
C TYR A 213 17.13 -6.04 24.34
N PHE A 214 17.30 -4.80 23.86
CA PHE A 214 16.45 -3.66 24.21
C PHE A 214 15.59 -3.20 23.02
N PRO A 215 14.25 -3.24 23.15
CA PRO A 215 13.42 -2.74 22.03
C PRO A 215 13.35 -1.22 22.05
N THR A 216 13.49 -0.59 20.87
CA THR A 216 13.44 0.86 20.74
C THR A 216 11.98 1.32 20.68
N ARG A 217 11.75 2.65 20.56
CA ARG A 217 10.40 3.23 20.44
C ARG A 217 9.72 2.75 19.15
N LEU A 218 10.53 2.44 18.10
CA LEU A 218 10.08 1.94 16.80
C LEU A 218 9.48 0.55 16.94
N ALA A 219 10.01 -0.27 17.87
CA ALA A 219 9.53 -1.62 18.13
C ALA A 219 8.23 -1.57 18.92
N THR A 220 8.20 -0.81 20.04
CA THR A 220 7.07 -0.65 20.94
C THR A 220 5.82 -0.09 20.22
N THR A 221 5.97 1.02 19.48
CA THR A 221 4.86 1.71 18.78
C THR A 221 4.55 1.15 17.39
N LEU A 222 5.28 0.09 16.94
CA LEU A 222 5.16 -0.55 15.62
C LEU A 222 3.72 -0.74 15.12
N THR A 223 2.83 -1.30 15.96
CA THR A 223 1.43 -1.55 15.60
C THR A 223 0.45 -0.80 16.53
N SER A 224 0.91 0.30 17.15
CA SER A 224 0.11 1.11 18.07
C SER A 224 -0.91 2.01 17.33
N SER A 225 -1.36 3.13 17.98
CA SER A 225 -2.36 4.09 17.50
C SER A 225 -3.73 3.43 17.19
N ALA A 226 -4.01 2.32 17.92
CA ALA A 226 -5.24 1.52 17.81
C ALA A 226 -5.66 1.00 19.18
N PRO A 255 1.31 16.80 15.18
CA PRO A 255 2.67 16.33 15.56
C PRO A 255 3.41 15.60 14.45
N SER A 256 3.03 15.85 13.17
CA SER A 256 3.61 15.26 11.95
C SER A 256 5.09 15.61 11.76
N ALA A 257 5.83 14.76 11.01
CA ALA A 257 7.27 14.93 10.77
C ALA A 257 7.64 15.56 9.42
N HIS A 258 6.86 15.30 8.35
CA HIS A 258 7.16 15.83 7.01
C HIS A 258 6.00 16.60 6.35
N LYS A 259 4.99 17.04 7.13
CA LYS A 259 3.84 17.79 6.63
C LYS A 259 4.23 19.24 6.35
N GLY A 260 4.07 19.66 5.10
CA GLY A 260 4.40 20.99 4.62
C GLY A 260 5.67 21.05 3.80
N SER A 261 6.50 19.98 3.86
CA SER A 261 7.78 19.85 3.16
C SER A 261 7.65 19.82 1.64
N ILE A 262 8.65 20.42 0.95
CA ILE A 262 8.75 20.51 -0.52
C ILE A 262 10.17 20.11 -0.95
N ILE A 263 10.25 19.21 -1.94
CA ILE A 263 11.50 18.70 -2.51
C ILE A 263 11.63 19.19 -3.96
N ILE A 264 12.70 19.95 -4.25
CA ILE A 264 13.01 20.48 -5.58
C ILE A 264 14.25 19.78 -6.13
N GLU A 265 14.08 19.11 -7.28
CA GLU A 265 15.12 18.38 -8.00
C GLU A 265 15.83 19.27 -9.02
N THR A 266 16.99 18.81 -9.53
CA THR A 266 17.81 19.49 -10.53
C THR A 266 17.13 19.54 -11.91
N ASN A 267 16.21 18.58 -12.16
CA ASN A 267 15.43 18.46 -13.40
C ASN A 267 14.08 19.19 -13.31
N TYR A 268 14.00 20.19 -12.40
CA TYR A 268 12.86 21.07 -12.13
C TYR A 268 11.61 20.34 -11.57
N ARG A 269 11.73 19.04 -11.19
CA ARG A 269 10.62 18.27 -10.61
C ARG A 269 10.36 18.62 -9.15
N LEU A 270 9.08 18.63 -8.78
CA LEU A 270 8.60 18.92 -7.43
C LEU A 270 7.94 17.69 -6.81
N TYR A 271 8.20 17.47 -5.52
CA TYR A 271 7.60 16.41 -4.70
C TYR A 271 7.27 17.09 -3.38
N ALA A 272 5.99 17.06 -2.97
CA ALA A 272 5.59 17.74 -1.74
C ALA A 272 4.40 17.09 -1.04
N TYR A 273 4.38 17.18 0.30
CA TYR A 273 3.30 16.67 1.14
C TYR A 273 2.64 17.89 1.78
N THR A 274 1.51 18.34 1.21
CA THR A 274 0.79 19.53 1.67
C THR A 274 0.15 19.36 3.03
N SER A 275 0.21 20.41 3.86
CA SER A 275 -0.35 20.46 5.21
C SER A 275 -1.88 20.53 5.18
N SER A 276 -2.42 21.33 4.24
CA SER A 276 -3.85 21.55 4.02
C SER A 276 -4.08 21.91 2.53
N PRO A 277 -5.31 21.84 1.96
CA PRO A 277 -5.49 22.21 0.54
C PRO A 277 -5.07 23.64 0.18
N LEU A 278 -4.81 24.50 1.21
CA LEU A 278 -4.35 25.88 1.05
C LEU A 278 -2.99 25.88 0.36
N GLN A 279 -2.12 24.91 0.74
CA GLN A 279 -0.78 24.70 0.18
C GLN A 279 -0.85 24.20 -1.26
N ILE A 280 -1.92 23.42 -1.61
CA ILE A 280 -2.16 22.92 -2.96
C ILE A 280 -2.46 24.13 -3.85
N ALA A 281 -3.30 25.05 -3.34
CA ALA A 281 -3.67 26.29 -4.03
C ALA A 281 -2.45 27.20 -4.19
N VAL A 282 -1.56 27.25 -3.16
CA VAL A 282 -0.34 28.06 -3.16
C VAL A 282 0.67 27.55 -4.20
N LEU A 283 0.91 26.22 -4.21
CA LEU A 283 1.83 25.58 -5.15
C LEU A 283 1.36 25.68 -6.60
N ALA A 284 0.03 25.62 -6.83
CA ALA A 284 -0.57 25.72 -8.16
C ALA A 284 -0.32 27.09 -8.85
N LEU A 285 0.02 28.13 -8.06
CA LEU A 285 0.33 29.47 -8.57
C LEU A 285 1.67 29.50 -9.32
N PHE A 286 2.63 28.65 -8.90
CA PHE A 286 3.96 28.62 -9.49
C PHE A 286 4.44 27.24 -10.00
N THR A 287 3.64 26.16 -9.84
CA THR A 287 4.03 24.82 -10.32
C THR A 287 2.96 24.11 -11.15
N HIS A 288 3.39 23.19 -12.03
CA HIS A 288 2.50 22.36 -12.86
C HIS A 288 2.11 21.11 -12.01
N LEU A 289 1.16 21.31 -11.08
CA LEU A 289 0.71 20.27 -10.15
C LEU A 289 -0.14 19.14 -10.75
N ASN A 290 -0.18 18.02 -10.01
CA ASN A 290 -0.94 16.80 -10.24
C ASN A 290 -1.12 16.19 -8.86
N MET A 291 -2.37 16.00 -8.44
CA MET A 291 -2.72 15.45 -7.12
C MET A 291 -2.29 13.99 -6.97
N ARG A 292 -1.69 13.65 -5.81
CA ARG A 292 -1.28 12.28 -5.44
C ARG A 292 -2.07 11.88 -4.19
N PHE A 293 -1.78 10.70 -3.59
CA PHE A 293 -2.51 10.24 -2.40
C PHE A 293 -2.30 11.10 -1.16
N ALA A 294 -3.36 11.21 -0.31
CA ALA A 294 -3.44 11.99 0.93
C ALA A 294 -3.21 13.47 0.62
N GLY A 295 -2.18 14.06 1.22
CA GLY A 295 -1.83 15.45 0.95
C GLY A 295 -0.69 15.60 -0.04
N MET A 296 -0.25 14.48 -0.64
CA MET A 296 0.87 14.51 -1.58
C MET A 296 0.51 15.08 -2.93
N VAL A 297 1.44 15.87 -3.48
CA VAL A 297 1.36 16.54 -4.78
C VAL A 297 2.70 16.39 -5.50
N THR A 298 2.65 16.30 -6.84
CA THR A 298 3.86 16.18 -7.68
C THR A 298 3.71 17.07 -8.90
N GLY A 299 4.83 17.55 -9.42
CA GLY A 299 4.84 18.40 -10.61
C GLY A 299 6.20 18.75 -11.17
N ARG A 300 6.23 19.72 -12.09
CA ARG A 300 7.43 20.20 -12.75
C ARG A 300 7.36 21.72 -12.91
N LEU A 301 8.45 22.42 -12.58
CA LEU A 301 8.59 23.86 -12.67
C LEU A 301 8.91 24.26 -14.10
N THR A 302 8.00 25.02 -14.72
CA THR A 302 8.13 25.49 -16.11
C THR A 302 8.11 27.01 -16.19
N ARG A 303 8.45 27.55 -17.38
CA ARG A 303 8.44 28.99 -17.66
C ARG A 303 7.02 29.53 -17.46
N GLU A 304 6.02 28.75 -17.94
CA GLU A 304 4.59 29.04 -17.89
C GLU A 304 4.09 29.13 -16.46
N SER A 305 4.48 28.17 -15.60
CA SER A 305 4.09 28.09 -14.19
C SER A 305 4.68 29.24 -13.36
N ILE A 306 5.96 29.57 -13.62
CA ILE A 306 6.67 30.65 -12.95
C ILE A 306 6.08 32.01 -13.32
N ARG A 307 5.73 32.19 -14.61
CA ARG A 307 5.12 33.43 -15.11
C ARG A 307 3.65 33.58 -14.67
N ARG A 308 2.99 32.46 -14.31
CA ARG A 308 1.62 32.44 -13.76
C ARG A 308 1.66 33.12 -12.38
N ALA A 309 2.74 32.87 -11.59
CA ALA A 309 2.96 33.47 -10.27
C ALA A 309 3.04 35.00 -10.35
N ILE A 310 3.61 35.55 -11.45
CA ILE A 310 3.73 36.98 -11.71
C ILE A 310 2.33 37.62 -11.74
N SER A 311 1.37 36.95 -12.40
CA SER A 311 -0.03 37.38 -12.52
C SER A 311 -0.77 37.36 -11.16
N PHE A 312 -0.19 36.68 -10.14
CA PHE A 312 -0.72 36.58 -8.78
C PHE A 312 0.08 37.40 -7.75
N GLY A 313 1.03 38.21 -8.23
CA GLY A 313 1.86 39.07 -7.41
C GLY A 313 2.98 38.38 -6.65
N ILE A 314 3.33 37.15 -7.05
CA ILE A 314 4.38 36.34 -6.43
C ILE A 314 5.68 36.52 -7.22
N THR A 315 6.73 37.04 -6.58
CA THR A 315 8.03 37.27 -7.21
C THR A 315 8.94 36.04 -7.05
N ALA A 316 9.97 35.91 -7.93
CA ALA A 316 10.97 34.82 -7.93
C ALA A 316 11.63 34.70 -6.55
N ASP A 317 11.94 35.85 -5.94
CA ASP A 317 12.53 35.99 -4.61
C ASP A 317 11.63 35.31 -3.56
N GLN A 318 10.30 35.56 -3.63
CA GLN A 318 9.29 34.99 -2.75
C GLN A 318 9.16 33.47 -2.98
N ILE A 319 9.29 33.02 -4.25
CA ILE A 319 9.22 31.61 -4.64
C ILE A 319 10.40 30.84 -4.04
N ILE A 320 11.65 31.34 -4.27
CA ILE A 320 12.90 30.77 -3.75
C ILE A 320 12.87 30.67 -2.21
N SER A 321 12.52 31.79 -1.53
CA SER A 321 12.40 31.89 -0.07
C SER A 321 11.35 30.92 0.51
N TYR A 322 10.27 30.63 -0.24
CA TYR A 322 9.22 29.70 0.17
C TYR A 322 9.71 28.26 0.10
N LEU A 323 10.33 27.88 -1.04
CA LEU A 323 10.88 26.54 -1.29
C LEU A 323 12.03 26.21 -0.33
N ALA A 324 12.82 27.25 0.07
CA ALA A 324 13.93 27.11 1.01
C ALA A 324 13.43 26.93 2.45
N SER A 325 12.42 27.73 2.87
CA SER A 325 11.84 27.67 4.22
C SER A 325 11.06 26.39 4.47
N HIS A 326 10.44 25.84 3.40
CA HIS A 326 9.63 24.62 3.43
C HIS A 326 10.38 23.38 2.89
N ALA A 327 11.73 23.45 2.79
CA ALA A 327 12.57 22.35 2.30
C ALA A 327 12.59 21.14 3.25
N HIS A 328 12.90 19.93 2.74
CA HIS A 328 12.94 18.68 3.49
C HIS A 328 14.12 18.60 4.46
N GLU A 329 13.83 18.37 5.76
CA GLU A 329 14.75 18.26 6.90
C GLU A 329 16.08 17.52 6.57
N GLN A 330 15.98 16.27 6.04
CA GLN A 330 17.14 15.44 5.70
C GLN A 330 17.94 15.97 4.51
N MET A 331 17.24 16.61 3.54
CA MET A 331 17.86 17.18 2.34
C MET A 331 18.64 18.44 2.66
N VAL A 332 18.19 19.20 3.68
CA VAL A 332 18.82 20.42 4.20
C VAL A 332 20.12 19.98 4.90
N ARG A 333 20.01 18.93 5.74
CA ARG A 333 21.09 18.32 6.51
C ARG A 333 22.28 17.87 5.64
N ALA A 334 22.00 17.16 4.53
CA ALA A 334 23.01 16.67 3.59
C ALA A 334 23.69 17.81 2.84
N ALA A 335 22.91 18.86 2.50
CA ALA A 335 23.39 20.05 1.80
C ALA A 335 24.32 20.88 2.70
N ALA A 336 23.90 21.13 3.96
CA ALA A 336 24.65 21.88 4.98
C ALA A 336 25.96 21.18 5.35
N ALA A 337 25.93 19.82 5.42
CA ALA A 337 27.09 18.98 5.73
C ALA A 337 28.13 19.02 4.62
N ALA A 338 27.68 19.26 3.38
CA ALA A 338 28.55 19.41 2.21
C ALA A 338 28.70 20.94 2.01
N GLY A 339 29.35 21.34 0.93
CA GLY A 339 29.51 22.76 0.63
C GLY A 339 28.49 23.20 -0.39
N ARG A 340 27.20 22.90 -0.15
CA ARG A 340 26.18 23.23 -1.13
C ARG A 340 24.87 23.78 -0.53
N PRO A 341 24.17 24.75 -1.20
CA PRO A 341 22.88 25.22 -0.69
C PRO A 341 21.78 24.18 -0.96
N VAL A 342 20.70 24.21 -0.16
CA VAL A 342 19.56 23.27 -0.24
C VAL A 342 18.98 23.17 -1.64
N LEU A 343 18.49 24.31 -2.19
CA LEU A 343 17.91 24.38 -3.52
C LEU A 343 19.01 24.38 -4.58
N PRO A 344 18.85 23.65 -5.72
CA PRO A 344 19.91 23.65 -6.76
C PRO A 344 20.15 25.05 -7.34
N PRO A 345 21.41 25.55 -7.33
CA PRO A 345 21.67 26.91 -7.85
C PRO A 345 21.21 27.15 -9.29
N THR A 346 21.34 26.12 -10.16
CA THR A 346 20.94 26.14 -11.57
C THR A 346 19.43 26.43 -11.73
N VAL A 347 18.62 25.84 -10.82
CA VAL A 347 17.15 26.00 -10.77
C VAL A 347 16.80 27.42 -10.29
N VAL A 348 17.42 27.86 -9.18
CA VAL A 348 17.25 29.18 -8.55
C VAL A 348 17.53 30.33 -9.53
N ASP A 349 18.56 30.18 -10.40
CA ASP A 349 18.91 31.17 -11.41
C ASP A 349 17.84 31.20 -12.50
N GLN A 350 17.31 30.01 -12.88
CA GLN A 350 16.26 29.85 -13.89
C GLN A 350 14.90 30.39 -13.39
N ILE A 351 14.67 30.39 -12.06
CA ILE A 351 13.45 30.93 -11.43
C ILE A 351 13.44 32.46 -11.62
N ARG A 352 14.61 33.10 -11.42
CA ARG A 352 14.79 34.55 -11.56
C ARG A 352 14.77 34.99 -13.02
N LEU A 353 15.38 34.18 -13.93
CA LEU A 353 15.47 34.45 -15.36
C LEU A 353 14.10 34.53 -16.04
N TRP A 354 13.21 33.55 -15.75
CA TRP A 354 11.85 33.50 -16.29
C TRP A 354 10.99 34.68 -15.86
N GLN A 355 11.24 35.21 -14.65
CA GLN A 355 10.54 36.38 -14.11
C GLN A 355 11.06 37.69 -14.70
N LEU A 356 12.25 37.65 -15.35
CA LEU A 356 12.88 38.80 -16.00
C LEU A 356 12.84 38.68 -17.54
N GLU A 357 12.39 37.52 -18.06
CA GLU A 357 12.28 37.19 -19.49
C GLU A 357 11.18 37.98 -20.24
N ASN A 358 10.38 38.79 -19.52
CA ASN A 358 9.26 39.58 -20.07
C ASN A 358 9.71 40.69 -21.04
N GLU A 359 9.10 40.69 -22.25
CA GLU A 359 9.25 41.62 -23.38
C GLU A 359 10.57 42.40 -23.41
N SER B 11 6.94 45.97 3.64
CA SER B 11 7.45 46.07 5.01
C SER B 11 7.67 44.70 5.64
N ASP B 12 8.96 44.30 5.78
CA ASP B 12 9.44 43.02 6.33
C ASP B 12 8.73 41.80 5.70
N TYR B 13 8.64 41.80 4.35
CA TYR B 13 8.02 40.76 3.52
C TYR B 13 8.87 39.47 3.45
N ASP B 14 10.09 39.52 4.03
CA ASP B 14 11.07 38.43 4.08
C ASP B 14 10.52 37.18 4.76
N ILE B 15 10.80 36.00 4.17
CA ILE B 15 10.38 34.66 4.60
C ILE B 15 8.82 34.57 4.62
N PRO B 16 8.17 34.44 3.44
CA PRO B 16 6.70 34.32 3.43
C PRO B 16 6.20 32.89 3.62
N THR B 17 5.15 32.74 4.43
CA THR B 17 4.51 31.46 4.74
C THR B 17 3.42 31.13 3.70
N THR B 18 2.77 29.96 3.84
CA THR B 18 1.70 29.48 2.96
C THR B 18 0.50 30.46 2.97
N GLU B 19 0.13 30.96 4.17
CA GLU B 19 -0.97 31.91 4.39
C GLU B 19 -0.69 33.24 3.69
N ASN B 20 0.58 33.68 3.69
CA ASN B 20 1.05 34.92 3.06
C ASN B 20 0.91 34.86 1.54
N LEU B 21 1.36 33.76 0.92
CA LEU B 21 1.31 33.54 -0.53
C LEU B 21 -0.13 33.36 -1.03
N TYR B 22 -1.01 32.75 -0.19
CA TYR B 22 -2.41 32.54 -0.54
C TYR B 22 -3.16 33.86 -0.55
N PHE B 23 -3.03 34.66 0.53
CA PHE B 23 -3.66 35.98 0.68
C PHE B 23 -3.21 36.94 -0.43
N GLN B 24 -1.95 36.79 -0.89
CA GLN B 24 -1.35 37.58 -1.98
C GLN B 24 -1.98 37.23 -3.33
N GLY B 25 -2.19 35.94 -3.58
CA GLY B 25 -2.81 35.43 -4.80
C GLY B 25 -4.30 35.69 -4.89
N ALA B 26 -4.98 35.70 -3.72
CA ALA B 26 -6.41 35.96 -3.61
C ALA B 26 -6.73 37.44 -3.84
N ALA B 27 -5.93 38.35 -3.24
CA ALA B 27 -6.09 39.79 -3.37
C ALA B 27 -5.58 40.35 -4.71
N ALA B 28 -4.70 39.57 -5.41
CA ALA B 28 -4.09 39.90 -6.70
C ALA B 28 -5.09 40.33 -7.78
N HIS B 29 -6.29 39.73 -7.76
CA HIS B 29 -7.36 40.04 -8.70
C HIS B 29 -8.50 40.72 -7.95
N ASN B 30 -8.95 41.89 -8.49
CA ASN B 30 -10.04 42.72 -7.96
C ASN B 30 -11.37 41.99 -8.22
N SER B 31 -11.54 40.84 -7.55
CA SER B 31 -12.68 39.96 -7.71
C SER B 31 -13.22 39.44 -6.40
N PHE B 32 -14.47 39.81 -6.11
CA PHE B 32 -15.20 39.38 -4.93
C PHE B 32 -16.54 38.84 -5.37
N GLY B 33 -17.03 37.84 -4.64
CA GLY B 33 -18.33 37.24 -4.90
C GLY B 33 -19.40 38.20 -4.48
N VAL B 34 -20.13 38.75 -5.47
CA VAL B 34 -21.19 39.71 -5.21
C VAL B 34 -22.46 38.97 -4.81
N PRO B 35 -23.03 39.23 -3.60
CA PRO B 35 -24.25 38.53 -3.20
C PRO B 35 -25.48 39.07 -3.93
N SER B 36 -26.39 38.17 -4.35
CA SER B 36 -27.59 38.52 -5.09
C SER B 36 -28.62 39.29 -4.24
N SER B 37 -29.00 40.49 -4.72
CA SER B 37 -29.98 41.37 -4.07
C SER B 37 -31.41 40.84 -4.25
N LEU B 38 -31.59 39.87 -5.17
CA LEU B 38 -32.86 39.21 -5.49
C LEU B 38 -33.25 38.22 -4.37
N PRO B 39 -34.57 37.99 -4.13
CA PRO B 39 -34.97 37.02 -3.09
C PRO B 39 -34.56 35.58 -3.43
N VAL B 40 -34.34 34.77 -2.39
CA VAL B 40 -33.87 33.39 -2.51
C VAL B 40 -35.01 32.39 -2.28
N ASP B 41 -35.09 31.34 -3.12
CA ASP B 41 -36.06 30.27 -3.00
C ASP B 41 -35.77 29.53 -1.67
N PRO B 42 -36.76 29.39 -0.76
CA PRO B 42 -36.49 28.74 0.54
C PRO B 42 -36.02 27.30 0.47
N ARG B 43 -36.36 26.58 -0.61
CA ARG B 43 -35.99 25.19 -0.85
C ARG B 43 -34.47 24.98 -1.02
N ILE B 44 -33.74 26.00 -1.51
CA ILE B 44 -32.29 25.92 -1.69
C ILE B 44 -31.57 26.27 -0.38
N ASP B 45 -31.57 25.29 0.55
CA ASP B 45 -30.93 25.37 1.87
C ASP B 45 -29.60 24.62 1.87
N ILE B 46 -28.80 24.76 2.95
CA ILE B 46 -27.49 24.10 3.09
C ILE B 46 -27.63 22.57 3.02
N ALA B 47 -28.77 22.02 3.47
CA ALA B 47 -29.07 20.59 3.44
C ALA B 47 -29.22 20.11 1.99
N PHE B 48 -29.96 20.88 1.15
CA PHE B 48 -30.18 20.61 -0.28
C PHE B 48 -28.87 20.62 -1.06
N LEU B 49 -28.07 21.69 -0.90
CA LEU B 49 -26.78 21.90 -1.58
C LEU B 49 -25.77 20.80 -1.23
N ASP B 50 -25.85 20.21 -0.02
CA ASP B 50 -25.00 19.11 0.43
C ASP B 50 -25.40 17.82 -0.28
N ASN B 51 -26.72 17.61 -0.49
CA ASN B 51 -27.28 16.45 -1.19
C ASN B 51 -26.96 16.55 -2.68
N TYR B 52 -27.09 17.76 -3.27
CA TYR B 52 -26.79 18.06 -4.67
C TYR B 52 -25.33 17.73 -4.99
N ALA B 53 -24.39 18.25 -4.17
CA ALA B 53 -22.94 18.04 -4.31
C ALA B 53 -22.58 16.57 -4.14
N ARG B 54 -23.30 15.85 -3.25
CA ARG B 54 -23.12 14.43 -2.97
C ARG B 54 -23.54 13.62 -4.21
N LYS B 55 -24.72 13.93 -4.78
CA LYS B 55 -25.27 13.26 -5.96
C LYS B 55 -24.39 13.45 -7.20
N LYS B 56 -23.79 14.65 -7.36
CA LYS B 56 -22.89 14.95 -8.48
C LYS B 56 -21.65 14.07 -8.42
N TRP B 57 -21.05 13.94 -7.22
CA TRP B 57 -19.84 13.15 -7.01
C TRP B 57 -20.09 11.66 -6.99
N GLU B 58 -21.30 11.21 -6.58
CA GLU B 58 -21.67 9.79 -6.58
C GLU B 58 -21.72 9.26 -8.02
N ASP B 59 -22.14 10.10 -9.00
CA ASP B 59 -22.19 9.79 -10.42
C ASP B 59 -20.78 9.63 -10.99
N ILE B 60 -19.88 10.58 -10.65
CA ILE B 60 -18.46 10.58 -11.06
C ILE B 60 -17.80 9.30 -10.55
N LEU B 61 -17.99 9.00 -9.25
CA LEU B 61 -17.44 7.81 -8.60
C LEU B 61 -18.03 6.52 -9.15
N HIS B 62 -19.33 6.51 -9.50
CA HIS B 62 -19.99 5.32 -10.08
C HIS B 62 -19.40 5.00 -11.45
N TYR B 63 -19.07 6.04 -12.25
CA TYR B 63 -18.46 5.92 -13.58
C TYR B 63 -17.06 5.29 -13.47
N VAL B 64 -16.31 5.65 -12.41
CA VAL B 64 -14.98 5.13 -12.12
C VAL B 64 -15.10 3.66 -11.66
N VAL B 65 -16.09 3.36 -10.81
CA VAL B 65 -16.38 2.00 -10.31
C VAL B 65 -16.87 1.08 -11.47
N SER B 66 -17.51 1.68 -12.50
CA SER B 66 -18.02 0.98 -13.70
C SER B 66 -16.88 0.36 -14.55
N SER B 67 -15.68 0.97 -14.51
CA SER B 67 -14.52 0.51 -15.27
C SER B 67 -13.73 -0.61 -14.58
N VAL B 68 -14.08 -0.97 -13.33
CA VAL B 68 -13.44 -2.06 -12.55
C VAL B 68 -13.82 -3.41 -13.18
N PRO B 69 -12.81 -4.28 -13.53
CA PRO B 69 -13.13 -5.57 -14.16
C PRO B 69 -14.02 -6.48 -13.30
N VAL B 70 -15.06 -7.07 -13.92
CA VAL B 70 -16.01 -7.96 -13.25
C VAL B 70 -15.85 -9.40 -13.77
N HIS B 71 -15.91 -9.58 -15.11
CA HIS B 71 -15.75 -10.87 -15.81
C HIS B 71 -15.61 -10.64 -17.31
N GLY B 82 -26.50 9.13 -19.80
CA GLY B 82 -26.27 7.89 -19.06
C GLY B 82 -24.98 7.88 -18.27
N GLY B 83 -24.77 8.98 -17.52
CA GLY B 83 -23.57 9.18 -16.70
C GLY B 83 -23.13 10.64 -16.59
N PRO B 84 -21.91 10.92 -16.07
CA PRO B 84 -21.46 12.32 -15.96
C PRO B 84 -21.15 12.93 -17.33
N LYS B 85 -21.28 14.27 -17.46
CA LYS B 85 -21.06 14.99 -18.71
C LYS B 85 -19.65 14.82 -19.28
N ALA B 86 -19.48 15.16 -20.58
CA ALA B 86 -18.20 15.09 -21.32
C ALA B 86 -17.06 15.84 -20.62
N SER B 87 -17.38 16.92 -19.88
CA SER B 87 -16.39 17.70 -19.13
C SER B 87 -15.70 16.86 -18.05
N VAL B 88 -16.41 15.87 -17.49
CA VAL B 88 -15.89 15.00 -16.44
C VAL B 88 -15.29 13.71 -17.05
N LYS B 89 -16.04 13.03 -17.94
CA LYS B 89 -15.62 11.78 -18.60
C LYS B 89 -14.26 11.88 -19.31
N ASP B 90 -14.01 13.01 -20.01
CA ASP B 90 -12.77 13.25 -20.74
C ASP B 90 -11.58 13.54 -19.83
N LEU B 91 -11.82 14.28 -18.73
CA LEU B 91 -10.83 14.68 -17.73
C LEU B 91 -10.25 13.47 -16.98
N LEU B 92 -11.09 12.44 -16.72
CA LEU B 92 -10.71 11.20 -16.04
C LEU B 92 -9.87 10.33 -17.00
N LEU B 93 -10.25 10.33 -18.28
CA LEU B 93 -9.58 9.57 -19.34
C LEU B 93 -8.20 10.15 -19.66
N ALA B 94 -8.12 11.48 -19.89
CA ALA B 94 -6.89 12.20 -20.19
C ALA B 94 -5.93 12.27 -19.00
N GLY B 95 -6.48 12.23 -17.78
CA GLY B 95 -5.70 12.26 -16.55
C GLY B 95 -5.19 10.91 -16.11
N ARG B 96 -5.34 9.89 -16.99
CA ARG B 96 -4.92 8.49 -16.80
C ARG B 96 -5.52 7.84 -15.54
N LEU B 97 -6.69 8.33 -15.09
CA LEU B 97 -7.40 7.77 -13.93
C LEU B 97 -8.19 6.55 -14.39
N VAL B 98 -8.60 6.57 -15.68
CA VAL B 98 -9.34 5.53 -16.37
C VAL B 98 -8.80 5.45 -17.81
N GLU B 99 -8.39 4.25 -18.27
CA GLU B 99 -7.88 4.03 -19.63
C GLU B 99 -8.95 3.43 -20.57
N ARG B 100 -8.76 3.58 -21.89
CA ARG B 100 -9.68 3.03 -22.91
C ARG B 100 -9.40 1.55 -23.15
N THR B 106 -17.32 -3.46 -21.96
CA THR B 106 -17.72 -2.17 -21.39
C THR B 106 -17.02 -0.99 -22.11
N GLY B 107 -15.84 -1.26 -22.66
CA GLY B 107 -15.01 -0.29 -23.39
C GLY B 107 -14.28 0.72 -22.52
N ILE B 108 -14.22 0.42 -21.21
CA ILE B 108 -13.62 1.27 -20.19
C ILE B 108 -12.85 0.39 -19.17
N GLY B 109 -11.73 0.92 -18.68
CA GLY B 109 -10.88 0.23 -17.73
C GLY B 109 -10.25 1.13 -16.70
N ILE B 110 -10.27 0.70 -15.43
CA ILE B 110 -9.67 1.44 -14.31
C ILE B 110 -8.15 1.27 -14.28
N THR B 111 -7.44 2.30 -13.81
CA THR B 111 -5.98 2.30 -13.68
C THR B 111 -5.59 2.25 -12.20
N GLN B 112 -4.28 2.32 -11.92
CA GLN B 112 -3.70 2.33 -10.57
C GLN B 112 -4.14 3.63 -9.88
N ALA B 113 -4.12 4.76 -10.63
CA ALA B 113 -4.53 6.10 -10.18
C ALA B 113 -6.02 6.14 -9.87
N GLY B 114 -6.81 5.32 -10.57
CA GLY B 114 -8.24 5.19 -10.39
C GLY B 114 -8.62 4.67 -9.02
N PHE B 115 -7.93 3.60 -8.57
CA PHE B 115 -8.15 3.01 -7.24
C PHE B 115 -7.68 3.94 -6.13
N THR B 116 -6.59 4.70 -6.40
CA THR B 116 -6.02 5.68 -5.48
C THR B 116 -7.04 6.79 -5.28
N PHE B 117 -7.64 7.27 -6.40
CA PHE B 117 -8.68 8.29 -6.46
C PHE B 117 -9.90 7.89 -5.62
N LEU B 118 -10.29 6.60 -5.66
CA LEU B 118 -11.42 6.05 -4.92
C LEU B 118 -11.20 6.10 -3.41
N LEU B 119 -9.95 5.87 -2.96
CA LEU B 119 -9.59 5.89 -1.54
C LEU B 119 -9.33 7.29 -1.00
N GLN B 120 -9.23 8.29 -1.90
CA GLN B 120 -9.00 9.69 -1.56
C GLN B 120 -10.22 10.30 -0.88
N GLU B 121 -9.98 11.31 -0.03
CA GLU B 121 -11.03 12.07 0.67
C GLU B 121 -11.66 13.11 -0.28
N ALA B 122 -12.93 13.49 0.00
CA ALA B 122 -13.77 14.42 -0.79
C ALA B 122 -13.03 15.65 -1.35
N ASN B 123 -12.20 16.34 -0.54
CA ASN B 123 -11.45 17.54 -0.96
C ASN B 123 -10.36 17.21 -1.98
N ALA B 124 -9.58 16.13 -1.72
CA ALA B 124 -8.49 15.66 -2.59
C ALA B 124 -9.03 15.22 -3.96
N GLN B 125 -10.20 14.54 -3.99
CA GLN B 125 -10.90 14.07 -5.19
C GLN B 125 -11.27 15.27 -6.08
N VAL B 126 -11.77 16.36 -5.47
CA VAL B 126 -12.14 17.61 -6.14
C VAL B 126 -10.89 18.25 -6.78
N TRP B 127 -9.80 18.34 -5.99
CA TRP B 127 -8.53 18.92 -6.44
C TRP B 127 -7.82 18.07 -7.50
N THR B 128 -8.17 16.77 -7.60
CA THR B 128 -7.61 15.85 -8.61
C THR B 128 -8.14 16.27 -9.98
N LEU B 129 -9.46 16.55 -10.07
CA LEU B 129 -10.09 17.00 -11.30
C LEU B 129 -9.72 18.44 -11.64
N LEU B 130 -9.78 19.36 -10.65
CA LEU B 130 -9.46 20.79 -10.82
C LEU B 130 -8.11 21.03 -11.48
N LEU B 131 -7.06 20.30 -11.05
CA LEU B 131 -5.71 20.42 -11.61
C LEU B 131 -5.63 19.89 -13.04
N LEU B 132 -6.45 18.87 -13.37
CA LEU B 132 -6.52 18.29 -14.72
C LEU B 132 -7.28 19.23 -15.66
N TRP B 133 -8.29 19.95 -15.12
CA TRP B 133 -9.13 20.94 -15.81
C TRP B 133 -8.29 22.15 -16.22
N LEU B 134 -7.35 22.54 -15.35
CA LEU B 134 -6.40 23.63 -15.53
C LEU B 134 -5.37 23.25 -16.60
N GLU B 135 -4.92 21.99 -16.57
CA GLU B 135 -3.95 21.36 -17.47
C GLU B 135 -4.49 21.30 -18.91
N ALA B 136 -5.79 20.98 -19.07
CA ALA B 136 -6.47 20.87 -20.36
C ALA B 136 -6.55 22.20 -21.11
N ALA B 137 -6.69 23.33 -20.38
CA ALA B 137 -6.78 24.69 -20.93
C ALA B 137 -5.44 25.15 -21.52
N ASP B 138 -4.33 24.81 -20.85
CA ASP B 138 -2.96 25.16 -21.25
C ASP B 138 -2.51 24.36 -22.47
N GLN B 139 -2.97 23.09 -22.57
CA GLN B 139 -2.67 22.19 -23.69
C GLN B 139 -3.41 22.64 -24.94
N ALA B 140 -4.61 23.24 -24.78
CA ALA B 140 -5.43 23.78 -25.86
C ALA B 140 -4.87 25.13 -26.34
N LYS B 141 -4.17 25.86 -25.46
CA LYS B 141 -3.57 27.16 -25.74
C LYS B 141 -2.05 27.10 -25.62
N LYS B 159 -11.02 32.77 -24.72
CA LYS B 159 -11.16 31.43 -24.16
C LYS B 159 -10.44 31.29 -22.79
N PRO B 160 -10.88 30.37 -21.88
CA PRO B 160 -10.25 30.30 -20.55
C PRO B 160 -8.85 29.67 -20.46
N ASP B 161 -7.98 30.28 -19.63
CA ASP B 161 -6.62 29.81 -19.32
C ASP B 161 -6.45 29.61 -17.80
N SER B 162 -5.32 28.99 -17.39
CA SER B 162 -4.97 28.67 -16.00
C SER B 162 -5.12 29.82 -15.00
N ILE B 163 -4.63 31.04 -15.38
CA ILE B 163 -4.67 32.27 -14.56
C ILE B 163 -6.13 32.63 -14.20
N GLU B 164 -7.00 32.71 -15.22
CA GLU B 164 -8.44 33.03 -15.09
C GLU B 164 -9.19 31.95 -14.32
N MET B 165 -8.80 30.68 -14.51
CA MET B 165 -9.37 29.51 -13.87
C MET B 165 -9.08 29.48 -12.37
N LEU B 166 -7.79 29.63 -11.98
CA LEU B 166 -7.31 29.64 -10.60
C LEU B 166 -7.91 30.79 -9.81
N SER B 167 -7.92 32.01 -10.39
CA SER B 167 -8.47 33.24 -9.78
C SER B 167 -9.95 33.10 -9.44
N PHE B 168 -10.71 32.34 -10.25
CA PHE B 168 -12.13 32.11 -10.00
C PHE B 168 -12.29 31.11 -8.85
N LEU B 169 -11.39 30.10 -8.77
CA LEU B 169 -11.40 29.09 -7.71
C LEU B 169 -11.04 29.72 -6.36
N PHE B 170 -10.10 30.70 -6.39
CA PHE B 170 -9.64 31.45 -5.23
C PHE B 170 -10.78 32.29 -4.64
N MET B 171 -11.59 32.90 -5.53
CA MET B 171 -12.76 33.72 -5.17
C MET B 171 -13.83 32.84 -4.53
N LEU B 172 -14.13 31.69 -5.16
CA LEU B 172 -15.15 30.75 -4.71
C LEU B 172 -14.88 30.20 -3.31
N ALA B 173 -13.61 29.95 -2.94
CA ALA B 173 -13.20 29.43 -1.63
C ALA B 173 -13.52 30.40 -0.49
N SER B 174 -13.58 31.72 -0.80
CA SER B 174 -13.90 32.79 0.16
C SER B 174 -15.41 33.03 0.31
N LEU B 175 -16.25 32.37 -0.52
CA LEU B 175 -17.70 32.52 -0.46
C LEU B 175 -18.34 31.81 0.74
N GLU B 176 -19.57 32.23 1.11
CA GLU B 176 -20.34 31.69 2.23
C GLU B 176 -21.32 30.64 1.72
N LEU B 177 -21.29 29.44 2.33
CA LEU B 177 -22.15 28.31 1.98
C LEU B 177 -23.62 28.62 2.23
N GLY B 178 -24.45 28.33 1.23
CA GLY B 178 -25.88 28.55 1.28
C GLY B 178 -26.32 29.87 0.68
N ARG B 179 -25.45 30.89 0.75
CA ARG B 179 -25.71 32.24 0.25
C ARG B 179 -25.81 32.29 -1.27
N ALA B 180 -26.75 33.10 -1.79
CA ALA B 180 -26.95 33.27 -3.22
C ALA B 180 -26.09 34.42 -3.71
N TYR B 181 -25.47 34.25 -4.89
CA TYR B 181 -24.59 35.25 -5.47
C TYR B 181 -25.01 35.65 -6.90
N ASP B 182 -24.83 36.94 -7.24
CA ASP B 182 -25.19 37.52 -8.54
C ASP B 182 -24.31 37.03 -9.70
N THR B 183 -24.93 36.31 -10.66
CA THR B 183 -24.29 35.76 -11.86
C THR B 183 -23.95 36.88 -12.85
N ASP B 184 -24.71 37.99 -12.82
CA ASP B 184 -24.52 39.18 -13.65
C ASP B 184 -23.15 39.81 -13.39
N ALA B 185 -22.72 39.80 -12.11
CA ALA B 185 -21.45 40.33 -11.62
C ALA B 185 -20.21 39.65 -12.21
N LEU B 186 -20.34 38.37 -12.59
CA LEU B 186 -19.26 37.55 -13.17
C LEU B 186 -18.87 38.03 -14.56
N SER B 187 -17.56 37.95 -14.88
CA SER B 187 -17.03 38.32 -16.19
C SER B 187 -17.42 37.23 -17.20
N GLU B 188 -17.46 37.57 -18.51
CA GLU B 188 -17.83 36.63 -19.57
C GLU B 188 -17.01 35.33 -19.52
N THR B 189 -15.69 35.44 -19.26
CA THR B 189 -14.77 34.31 -19.14
C THR B 189 -15.17 33.42 -17.95
N ARG B 190 -15.54 34.05 -16.81
CA ARG B 190 -15.98 33.38 -15.59
C ARG B 190 -17.34 32.72 -15.77
N ARG B 191 -18.21 33.34 -16.59
CA ARG B 191 -19.56 32.81 -16.91
C ARG B 191 -19.43 31.55 -17.76
N ASN B 192 -18.40 31.51 -18.64
CA ASN B 192 -18.11 30.38 -19.51
C ASN B 192 -17.57 29.16 -18.73
N MET B 193 -17.02 29.39 -17.52
CA MET B 193 -16.46 28.34 -16.66
C MET B 193 -17.52 27.61 -15.83
N LEU B 194 -18.66 28.28 -15.53
CA LEU B 194 -19.78 27.74 -14.74
C LEU B 194 -20.26 26.34 -15.19
N PRO B 195 -20.49 26.03 -16.50
CA PRO B 195 -20.93 24.66 -16.86
C PRO B 195 -19.96 23.55 -16.45
N ALA B 196 -18.64 23.80 -16.50
CA ALA B 196 -17.64 22.82 -16.08
C ALA B 196 -17.58 22.75 -14.55
N LEU B 197 -17.81 23.90 -13.88
CA LEU B 197 -17.79 24.00 -12.41
C LEU B 197 -19.03 23.39 -11.77
N VAL B 198 -20.17 23.37 -12.49
CA VAL B 198 -21.39 22.73 -11.98
C VAL B 198 -21.23 21.20 -12.13
N ASP B 199 -20.44 20.77 -13.15
CA ASP B 199 -20.12 19.37 -13.43
C ASP B 199 -19.22 18.77 -12.34
N PHE B 200 -18.51 19.63 -11.59
CA PHE B 200 -17.66 19.19 -10.48
C PHE B 200 -18.38 19.30 -9.13
N GLY B 201 -19.67 19.66 -9.18
CA GLY B 201 -20.52 19.82 -8.00
C GLY B 201 -20.08 20.91 -7.05
N LEU B 202 -19.41 21.95 -7.57
CA LEU B 202 -18.89 23.08 -6.81
C LEU B 202 -19.87 24.26 -6.77
N ILE B 203 -20.67 24.42 -7.85
CA ILE B 203 -21.65 25.49 -7.99
C ILE B 203 -23.02 24.87 -8.36
N TYR B 204 -24.11 25.50 -7.89
CA TYR B 204 -25.48 25.10 -8.21
C TYR B 204 -26.21 26.30 -8.77
N ILE B 205 -26.75 26.16 -10.00
CA ILE B 205 -27.51 27.21 -10.65
C ILE B 205 -28.92 26.68 -10.94
N PRO B 206 -29.98 27.27 -10.34
CA PRO B 206 -31.33 26.77 -10.58
C PRO B 206 -31.79 26.94 -12.03
N ARG B 207 -32.59 25.96 -12.53
CA ARG B 207 -33.17 25.95 -13.88
C ARG B 207 -34.13 27.13 -14.04
N GLU B 208 -34.83 27.48 -12.94
CA GLU B 208 -35.81 28.57 -12.82
C GLU B 208 -35.19 29.97 -12.81
N ASP B 209 -34.02 30.14 -12.17
CA ASP B 209 -33.33 31.42 -12.05
C ASP B 209 -31.80 31.30 -12.26
N THR B 210 -31.34 31.64 -13.47
CA THR B 210 -29.93 31.61 -13.86
C THR B 210 -29.16 32.81 -13.29
N ARG B 211 -29.89 33.84 -12.81
CA ARG B 211 -29.34 35.08 -12.23
C ARG B 211 -28.62 34.86 -10.90
N GLN B 212 -28.85 33.69 -10.27
CA GLN B 212 -28.24 33.33 -8.99
C GLN B 212 -27.42 32.05 -9.09
N TYR B 213 -26.24 32.02 -8.43
CA TYR B 213 -25.37 30.86 -8.33
C TYR B 213 -25.06 30.57 -6.87
N PHE B 214 -25.20 29.31 -6.46
CA PHE B 214 -25.01 28.87 -5.08
C PHE B 214 -23.75 28.01 -4.91
N PRO B 215 -22.79 28.43 -4.07
CA PRO B 215 -21.60 27.59 -3.86
C PRO B 215 -21.92 26.46 -2.88
N THR B 216 -21.46 25.24 -3.20
CA THR B 216 -21.68 24.07 -2.35
C THR B 216 -20.62 24.04 -1.24
N ARG B 217 -20.66 23.02 -0.36
CA ARG B 217 -19.70 22.84 0.73
C ARG B 217 -18.31 22.56 0.16
N LEU B 218 -18.24 21.89 -1.00
CA LEU B 218 -17.01 21.53 -1.71
C LEU B 218 -16.22 22.74 -2.13
N ALA B 219 -16.92 23.83 -2.52
CA ALA B 219 -16.28 25.09 -2.93
C ALA B 219 -15.94 25.95 -1.72
N THR B 220 -16.84 25.97 -0.70
CA THR B 220 -16.72 26.76 0.52
C THR B 220 -15.54 26.29 1.42
N THR B 221 -15.19 24.98 1.40
CA THR B 221 -14.12 24.39 2.21
C THR B 221 -12.89 24.00 1.38
N LEU B 222 -12.89 24.35 0.08
CA LEU B 222 -11.86 24.02 -0.91
C LEU B 222 -10.40 24.32 -0.50
N THR B 223 -10.14 25.19 0.51
CA THR B 223 -8.73 25.50 0.79
C THR B 223 -8.22 25.24 2.23
N SER B 224 -8.63 25.98 3.28
CA SER B 224 -7.95 25.73 4.56
C SER B 224 -8.69 24.86 5.57
N SER B 225 -7.90 24.27 6.51
CA SER B 225 -8.31 23.43 7.64
C SER B 225 -7.32 23.65 8.81
N ALA B 226 -7.85 23.75 10.04
CA ALA B 226 -7.04 23.98 11.26
C ALA B 226 -7.53 23.15 12.46
N SER B 227 -6.65 22.99 13.48
CA SER B 227 -6.94 22.23 14.70
C SER B 227 -7.69 23.09 15.71
N SER B 256 -12.88 10.88 8.82
CA SER B 256 -12.44 10.35 7.53
C SER B 256 -13.56 9.60 6.78
N ALA B 257 -13.47 9.57 5.43
CA ALA B 257 -14.48 8.95 4.57
C ALA B 257 -14.11 7.54 4.04
N HIS B 258 -12.80 7.27 3.81
CA HIS B 258 -12.35 5.97 3.27
C HIS B 258 -11.25 5.27 4.10
N LYS B 259 -11.08 5.66 5.38
CA LYS B 259 -10.08 5.05 6.26
C LYS B 259 -10.56 3.69 6.77
N GLY B 260 -9.77 2.66 6.49
CA GLY B 260 -10.07 1.28 6.86
C GLY B 260 -10.53 0.41 5.70
N SER B 261 -10.95 1.06 4.58
CA SER B 261 -11.46 0.42 3.37
C SER B 261 -10.44 -0.45 2.64
N ILE B 262 -10.92 -1.57 2.05
CA ILE B 262 -10.13 -2.55 1.29
C ILE B 262 -10.84 -2.85 -0.03
N ILE B 263 -10.10 -2.79 -1.15
CA ILE B 263 -10.58 -3.06 -2.50
C ILE B 263 -9.91 -4.33 -3.03
N ILE B 264 -10.73 -5.35 -3.36
CA ILE B 264 -10.28 -6.63 -3.92
C ILE B 264 -10.78 -6.73 -5.36
N GLU B 265 -9.85 -6.90 -6.31
CA GLU B 265 -10.23 -7.03 -7.72
C GLU B 265 -9.95 -8.44 -8.28
N THR B 266 -10.58 -8.74 -9.44
CA THR B 266 -10.55 -10.00 -10.20
C THR B 266 -9.16 -10.60 -10.45
N ASN B 267 -8.12 -9.75 -10.66
CA ASN B 267 -6.74 -10.20 -10.90
C ASN B 267 -5.93 -10.36 -9.60
N TYR B 268 -6.65 -10.61 -8.47
CA TYR B 268 -6.14 -10.84 -7.11
C TYR B 268 -5.26 -9.70 -6.58
N ARG B 269 -5.56 -8.44 -6.97
CA ARG B 269 -4.81 -7.26 -6.51
C ARG B 269 -5.60 -6.50 -5.44
N LEU B 270 -4.92 -6.20 -4.33
CA LEU B 270 -5.45 -5.48 -3.18
C LEU B 270 -5.03 -4.00 -3.20
N TYR B 271 -5.96 -3.12 -2.83
CA TYR B 271 -5.76 -1.67 -2.69
C TYR B 271 -6.46 -1.31 -1.39
N ALA B 272 -5.73 -0.74 -0.42
CA ALA B 272 -6.33 -0.40 0.88
C ALA B 272 -5.70 0.80 1.55
N TYR B 273 -6.52 1.55 2.31
CA TYR B 273 -6.09 2.71 3.09
C TYR B 273 -6.26 2.34 4.57
N THR B 274 -5.17 1.93 5.23
CA THR B 274 -5.19 1.47 6.63
C THR B 274 -5.48 2.60 7.61
N SER B 275 -6.29 2.27 8.63
CA SER B 275 -6.69 3.20 9.70
C SER B 275 -5.53 3.49 10.66
N SER B 276 -4.74 2.45 10.99
CA SER B 276 -3.58 2.50 11.88
C SER B 276 -2.59 1.38 11.46
N PRO B 277 -1.30 1.38 11.89
CA PRO B 277 -0.39 0.29 11.50
C PRO B 277 -0.84 -1.12 11.92
N LEU B 278 -1.87 -1.20 12.80
CA LEU B 278 -2.46 -2.46 13.27
C LEU B 278 -3.06 -3.20 12.08
N GLN B 279 -3.71 -2.45 11.16
CA GLN B 279 -4.34 -2.96 9.94
C GLN B 279 -3.28 -3.43 8.94
N ILE B 280 -2.09 -2.80 8.93
CA ILE B 280 -0.95 -3.17 8.08
C ILE B 280 -0.49 -4.55 8.54
N ALA B 281 -0.38 -4.74 9.87
CA ALA B 281 0.02 -6.01 10.48
C ALA B 281 -1.03 -7.10 10.22
N VAL B 282 -2.33 -6.73 10.25
CA VAL B 282 -3.46 -7.64 10.00
C VAL B 282 -3.46 -8.12 8.53
N LEU B 283 -3.31 -7.18 7.58
CA LEU B 283 -3.28 -7.49 6.15
C LEU B 283 -2.08 -8.33 5.75
N ALA B 284 -0.92 -8.09 6.38
CA ALA B 284 0.33 -8.82 6.13
C ALA B 284 0.23 -10.33 6.46
N LEU B 285 -0.76 -10.73 7.28
CA LEU B 285 -1.00 -12.14 7.66
C LEU B 285 -1.57 -12.93 6.47
N PHE B 286 -2.35 -12.28 5.59
CA PHE B 286 -2.98 -12.94 4.46
C PHE B 286 -2.71 -12.33 3.07
N THR B 287 -1.94 -11.21 2.98
CA THR B 287 -1.63 -10.58 1.69
C THR B 287 -0.14 -10.28 1.48
N HIS B 288 0.30 -10.22 0.20
CA HIS B 288 1.66 -9.88 -0.18
C HIS B 288 1.74 -8.33 -0.27
N LEU B 289 1.85 -7.68 0.91
CA LEU B 289 1.88 -6.22 1.02
C LEU B 289 3.15 -5.52 0.55
N ASN B 290 2.99 -4.22 0.28
CA ASN B 290 4.00 -3.25 -0.12
C ASN B 290 3.43 -1.91 0.33
N MET B 291 4.18 -1.20 1.20
CA MET B 291 3.77 0.09 1.75
C MET B 291 3.71 1.19 0.68
N ARG B 292 2.64 2.00 0.70
CA ARG B 292 2.43 3.15 -0.19
C ARG B 292 2.37 4.42 0.68
N PHE B 293 2.05 5.59 0.09
CA PHE B 293 2.01 6.85 0.85
C PHE B 293 0.89 6.90 1.89
N ALA B 294 1.15 7.62 3.02
CA ALA B 294 0.29 7.79 4.20
C ALA B 294 -0.06 6.42 4.80
N GLY B 295 -1.34 6.06 4.85
CA GLY B 295 -1.78 4.77 5.35
C GLY B 295 -2.08 3.78 4.25
N MET B 296 -1.79 4.16 2.99
CA MET B 296 -2.07 3.30 1.85
C MET B 296 -1.12 2.13 1.72
N VAL B 297 -1.69 0.96 1.35
CA VAL B 297 -0.99 -0.30 1.14
C VAL B 297 -1.54 -0.96 -0.13
N THR B 298 -0.68 -1.69 -0.86
CA THR B 298 -1.05 -2.40 -2.09
C THR B 298 -0.42 -3.79 -2.05
N GLY B 299 -1.17 -4.78 -2.51
CA GLY B 299 -0.71 -6.16 -2.49
C GLY B 299 -1.35 -7.11 -3.49
N ARG B 300 -0.93 -8.39 -3.40
CA ARG B 300 -1.41 -9.47 -4.27
C ARG B 300 -1.79 -10.67 -3.41
N LEU B 301 -3.00 -11.21 -3.60
CA LEU B 301 -3.44 -12.41 -2.87
C LEU B 301 -2.90 -13.65 -3.56
N THR B 302 -2.02 -14.39 -2.86
CA THR B 302 -1.39 -15.62 -3.37
C THR B 302 -1.69 -16.80 -2.46
N ARG B 303 -1.37 -18.02 -2.94
CA ARG B 303 -1.53 -19.27 -2.20
C ARG B 303 -0.69 -19.21 -0.93
N GLU B 304 0.54 -18.68 -1.05
CA GLU B 304 1.54 -18.50 0.00
C GLU B 304 1.05 -17.57 1.11
N SER B 305 0.45 -16.42 0.73
CA SER B 305 -0.09 -15.41 1.65
C SER B 305 -1.31 -15.93 2.41
N ILE B 306 -2.16 -16.72 1.73
CA ILE B 306 -3.35 -17.35 2.30
C ILE B 306 -2.91 -18.46 3.28
N ARG B 307 -1.89 -19.27 2.90
CA ARG B 307 -1.29 -20.34 3.70
C ARG B 307 -0.64 -19.78 4.98
N ARG B 308 -0.16 -18.52 4.90
CA ARG B 308 0.48 -17.81 6.01
C ARG B 308 -0.57 -17.52 7.10
N ALA B 309 -1.79 -17.12 6.69
CA ALA B 309 -2.91 -16.83 7.59
C ALA B 309 -3.31 -18.05 8.43
N ILE B 310 -3.20 -19.26 7.83
CA ILE B 310 -3.48 -20.55 8.47
C ILE B 310 -2.57 -20.73 9.70
N SER B 311 -1.28 -20.37 9.56
CA SER B 311 -0.26 -20.43 10.61
C SER B 311 -0.52 -19.43 11.75
N PHE B 312 -1.41 -18.44 11.51
CA PHE B 312 -1.82 -17.42 12.47
C PHE B 312 -3.24 -17.62 13.02
N GLY B 313 -3.86 -18.74 12.66
CA GLY B 313 -5.21 -19.11 13.10
C GLY B 313 -6.34 -18.39 12.40
N ILE B 314 -6.06 -17.78 11.24
CA ILE B 314 -7.04 -17.04 10.42
C ILE B 314 -7.57 -17.98 9.34
N THR B 315 -8.88 -18.25 9.36
CA THR B 315 -9.54 -19.12 8.37
C THR B 315 -10.04 -18.32 7.16
N ALA B 316 -10.25 -19.01 6.01
CA ALA B 316 -10.75 -18.42 4.75
C ALA B 316 -12.05 -17.67 4.99
N ASP B 317 -12.93 -18.25 5.82
CA ASP B 317 -14.22 -17.70 6.24
C ASP B 317 -14.02 -16.34 6.92
N GLN B 318 -13.03 -16.25 7.83
CA GLN B 318 -12.66 -15.02 8.55
C GLN B 318 -12.06 -13.99 7.61
N ILE B 319 -11.29 -14.46 6.60
CA ILE B 319 -10.65 -13.61 5.57
C ILE B 319 -11.73 -12.94 4.73
N ILE B 320 -12.66 -13.74 4.14
CA ILE B 320 -13.78 -13.29 3.31
C ILE B 320 -14.67 -12.28 4.08
N SER B 321 -15.07 -12.64 5.31
CA SER B 321 -15.89 -11.81 6.21
C SER B 321 -15.22 -10.47 6.56
N TYR B 322 -13.87 -10.45 6.65
CA TYR B 322 -13.10 -9.23 6.95
C TYR B 322 -13.08 -8.29 5.73
N LEU B 323 -12.77 -8.84 4.54
CA LEU B 323 -12.72 -8.11 3.26
C LEU B 323 -14.10 -7.56 2.87
N ALA B 324 -15.18 -8.28 3.23
CA ALA B 324 -16.56 -7.89 2.97
C ALA B 324 -17.01 -6.77 3.91
N SER B 325 -16.69 -6.87 5.22
CA SER B 325 -17.05 -5.88 6.23
C SER B 325 -16.30 -4.55 6.05
N HIS B 326 -15.05 -4.63 5.53
CA HIS B 326 -14.17 -3.49 5.29
C HIS B 326 -14.12 -3.06 3.82
N ALA B 327 -15.09 -3.51 3.00
CA ALA B 327 -15.17 -3.18 1.57
C ALA B 327 -15.48 -1.69 1.31
N HIS B 328 -15.09 -1.18 0.13
CA HIS B 328 -15.30 0.22 -0.27
C HIS B 328 -16.78 0.56 -0.49
N GLU B 329 -17.26 1.62 0.20
CA GLU B 329 -18.62 2.16 0.18
C GLU B 329 -19.26 2.20 -1.22
N GLN B 330 -18.56 2.82 -2.20
CA GLN B 330 -18.99 3.00 -3.59
C GLN B 330 -19.03 1.69 -4.36
N MET B 331 -18.12 0.77 -4.05
CA MET B 331 -18.00 -0.53 -4.69
C MET B 331 -19.10 -1.50 -4.23
N VAL B 332 -19.53 -1.34 -2.97
CA VAL B 332 -20.62 -2.11 -2.33
C VAL B 332 -21.92 -1.66 -3.02
N ARG B 333 -22.11 -0.33 -3.15
CA ARG B 333 -23.25 0.33 -3.76
C ARG B 333 -23.52 -0.15 -5.20
N ALA B 334 -22.47 -0.19 -6.04
CA ALA B 334 -22.56 -0.64 -7.44
C ALA B 334 -22.88 -2.12 -7.55
N ALA B 335 -22.34 -2.94 -6.62
CA ALA B 335 -22.56 -4.38 -6.56
C ALA B 335 -24.00 -4.70 -6.14
N ALA B 336 -24.50 -4.02 -5.08
CA ALA B 336 -25.86 -4.17 -4.55
C ALA B 336 -26.92 -3.74 -5.57
N ALA B 337 -26.63 -2.67 -6.35
CA ALA B 337 -27.50 -2.14 -7.40
C ALA B 337 -27.58 -3.09 -8.60
N ALA B 338 -26.51 -3.90 -8.83
CA ALA B 338 -26.39 -4.83 -9.96
C ALA B 338 -26.63 -6.32 -9.61
N GLY B 339 -27.06 -6.62 -8.38
CA GLY B 339 -27.35 -7.98 -7.94
C GLY B 339 -26.16 -8.84 -7.56
N ARG B 340 -24.97 -8.55 -8.13
CA ARG B 340 -23.70 -9.23 -7.87
C ARG B 340 -23.18 -8.99 -6.44
N PRO B 341 -22.47 -9.96 -5.80
CA PRO B 341 -21.91 -9.70 -4.46
C PRO B 341 -20.66 -8.81 -4.56
N VAL B 342 -20.32 -8.10 -3.46
CA VAL B 342 -19.20 -7.15 -3.39
C VAL B 342 -17.88 -7.79 -3.82
N LEU B 343 -17.45 -8.86 -3.13
CA LEU B 343 -16.22 -9.57 -3.42
C LEU B 343 -16.43 -10.47 -4.64
N PRO B 344 -15.48 -10.49 -5.63
CA PRO B 344 -15.68 -11.34 -6.81
C PRO B 344 -15.77 -12.82 -6.44
N PRO B 345 -16.84 -13.54 -6.89
CA PRO B 345 -16.97 -14.96 -6.52
C PRO B 345 -15.77 -15.81 -6.92
N THR B 346 -15.16 -15.53 -8.10
CA THR B 346 -13.98 -16.20 -8.64
C THR B 346 -12.78 -16.10 -7.69
N VAL B 347 -12.61 -14.92 -7.04
CA VAL B 347 -11.55 -14.65 -6.06
C VAL B 347 -11.82 -15.45 -4.77
N VAL B 348 -13.07 -15.35 -4.25
CA VAL B 348 -13.55 -16.05 -3.05
C VAL B 348 -13.35 -17.58 -3.19
N ASP B 349 -13.77 -18.15 -4.36
CA ASP B 349 -13.65 -19.57 -4.73
C ASP B 349 -12.20 -20.05 -4.63
N GLN B 350 -11.24 -19.21 -5.04
CA GLN B 350 -9.80 -19.50 -5.00
C GLN B 350 -9.25 -19.45 -3.58
N ILE B 351 -9.79 -18.57 -2.71
CA ILE B 351 -9.38 -18.44 -1.29
C ILE B 351 -9.80 -19.72 -0.53
N ARG B 352 -10.99 -20.27 -0.86
CA ARG B 352 -11.54 -21.50 -0.27
C ARG B 352 -10.75 -22.71 -0.79
N LEU B 353 -10.42 -22.72 -2.10
CA LEU B 353 -9.64 -23.77 -2.78
C LEU B 353 -8.20 -23.80 -2.24
N TRP B 354 -7.60 -22.62 -2.00
CA TRP B 354 -6.24 -22.52 -1.46
C TRP B 354 -6.16 -23.08 -0.04
N GLN B 355 -7.23 -22.90 0.76
CA GLN B 355 -7.31 -23.45 2.12
C GLN B 355 -7.49 -24.96 2.06
N LEU B 356 -8.10 -25.50 0.98
CA LEU B 356 -8.30 -26.94 0.78
C LEU B 356 -6.96 -27.64 0.50
N GLU B 357 -6.13 -27.09 -0.40
CA GLU B 357 -4.83 -27.67 -0.75
C GLU B 357 -3.72 -27.39 0.30
N ASN B 358 -4.03 -26.58 1.33
CA ASN B 358 -3.12 -26.24 2.43
C ASN B 358 -3.54 -26.93 3.73
N GLU B 359 -4.85 -27.14 3.93
CA GLU B 359 -5.42 -27.79 5.11
C GLU B 359 -5.96 -29.16 4.74
N ARG B 360 -5.35 -30.21 5.32
CA ARG B 360 -5.65 -31.63 5.12
C ARG B 360 -5.41 -32.05 3.66
N MET B 361 -4.21 -31.71 3.16
CA MET B 361 -3.71 -32.00 1.83
C MET B 361 -2.20 -31.77 1.80
N ARG B 362 -1.42 -32.86 2.00
CA ARG B 362 0.03 -32.78 1.96
C ARG B 362 0.51 -33.39 0.64
N THR B 363 0.43 -32.58 -0.43
CA THR B 363 0.83 -32.93 -1.78
C THR B 363 2.36 -33.01 -1.85
N SER B 364 2.92 -34.24 -1.83
CA SER B 364 4.35 -34.45 -1.88
C SER B 364 4.75 -35.30 -3.10
N PRO B 365 5.32 -34.69 -4.17
CA PRO B 365 5.69 -35.47 -5.35
C PRO B 365 6.99 -36.25 -5.11
N GLY B 366 6.89 -37.57 -5.18
CA GLY B 366 8.03 -38.45 -4.96
C GLY B 366 7.95 -39.78 -5.70
N PHE B 367 8.38 -40.85 -5.03
CA PHE B 367 8.41 -42.20 -5.59
C PHE B 367 7.94 -43.25 -4.59
N LEU B 368 7.26 -44.29 -5.10
CA LEU B 368 6.77 -45.40 -4.29
C LEU B 368 7.17 -46.74 -4.92
N PHE B 369 7.80 -47.60 -4.10
CA PHE B 369 8.23 -48.95 -4.47
C PHE B 369 8.08 -49.86 -3.25
N LYS B 370 7.48 -51.05 -3.46
CA LYS B 370 7.20 -52.02 -2.39
C LYS B 370 7.77 -53.42 -2.65
N ASP B 371 8.14 -53.71 -3.91
CA ASP B 371 8.65 -55.02 -4.33
C ASP B 371 10.03 -55.36 -3.74
N PHE B 372 10.03 -55.80 -2.47
CA PHE B 372 11.20 -56.23 -1.70
C PHE B 372 10.88 -57.56 -1.03
N GLU B 373 11.85 -58.49 -0.98
CA GLU B 373 11.64 -59.81 -0.36
C GLU B 373 11.97 -59.82 1.13
N ASN B 374 13.18 -59.37 1.50
CA ASN B 374 13.65 -59.33 2.90
C ASN B 374 13.36 -57.99 3.56
N VAL B 375 12.84 -58.03 4.81
CA VAL B 375 12.52 -56.83 5.60
C VAL B 375 13.82 -56.16 6.04
N GLU B 376 14.85 -56.98 6.37
CA GLU B 376 16.19 -56.55 6.80
C GLU B 376 16.91 -55.73 5.70
N GLU B 377 16.66 -56.09 4.42
CA GLU B 377 17.22 -55.42 3.25
C GLU B 377 16.47 -54.11 2.96
N TYR B 378 15.15 -54.09 3.24
CA TYR B 378 14.27 -52.94 3.06
C TYR B 378 14.61 -51.81 4.06
N MET B 379 14.88 -52.17 5.33
CA MET B 379 15.22 -51.25 6.42
C MET B 379 16.48 -50.43 6.13
N ALA B 380 17.50 -51.05 5.49
CA ALA B 380 18.76 -50.41 5.13
C ALA B 380 18.57 -49.33 4.06
N LEU B 381 17.72 -49.62 3.04
CA LEU B 381 17.40 -48.69 1.95
C LEU B 381 16.46 -47.58 2.43
N ALA B 382 15.50 -47.92 3.32
CA ALA B 382 14.55 -46.96 3.91
C ALA B 382 15.25 -46.04 4.91
N GLY B 383 16.20 -46.59 5.66
CA GLY B 383 17.00 -45.87 6.64
C GLY B 383 17.95 -44.87 6.01
N TYR B 384 18.49 -45.22 4.82
CA TYR B 384 19.41 -44.40 4.04
C TYR B 384 18.74 -43.10 3.58
N ALA B 385 17.45 -43.18 3.20
CA ALA B 385 16.65 -42.02 2.78
C ALA B 385 16.36 -41.08 3.96
N GLU B 386 16.23 -41.64 5.17
CA GLU B 386 16.00 -40.90 6.42
C GLU B 386 17.28 -40.17 6.84
N GLU B 387 18.45 -40.77 6.54
CA GLU B 387 19.79 -40.25 6.87
C GLU B 387 20.11 -38.92 6.15
N ILE B 388 19.79 -38.82 4.84
CA ILE B 388 20.03 -37.62 4.04
C ILE B 388 18.95 -36.57 4.31
N GLY B 389 17.70 -37.03 4.35
CA GLY B 389 16.51 -36.20 4.55
C GLY B 389 15.67 -36.15 3.29
N VAL B 390 15.48 -37.33 2.67
CA VAL B 390 14.74 -37.53 1.41
C VAL B 390 13.33 -38.08 1.71
N LEU B 391 13.24 -39.12 2.56
CA LEU B 391 12.01 -39.80 2.97
C LEU B 391 11.03 -38.89 3.70
N VAL B 392 9.72 -39.05 3.41
CA VAL B 392 8.63 -38.30 4.02
C VAL B 392 7.65 -39.20 4.79
N TRP B 393 7.45 -40.44 4.30
CA TRP B 393 6.55 -41.42 4.91
C TRP B 393 7.13 -42.83 4.87
N ARG B 394 6.89 -43.60 5.95
CA ARG B 394 7.36 -44.98 6.09
C ARG B 394 6.45 -45.78 7.03
N SER B 395 6.06 -46.99 6.61
CA SER B 395 5.26 -47.93 7.39
C SER B 395 5.87 -49.32 7.21
N ASP B 396 6.62 -49.79 8.23
CA ASP B 396 7.31 -51.09 8.22
C ASP B 396 6.36 -52.28 8.26
N ARG B 397 5.06 -52.03 8.57
CA ARG B 397 3.99 -53.02 8.69
C ARG B 397 3.60 -53.62 7.32
N LYS B 398 3.89 -52.88 6.22
CA LYS B 398 3.58 -53.30 4.84
C LYS B 398 4.84 -53.33 3.94
N ARG B 399 6.00 -52.89 4.50
CA ARG B 399 7.33 -52.81 3.86
C ARG B 399 7.32 -51.83 2.65
N MET B 400 6.66 -50.67 2.82
CA MET B 400 6.51 -49.61 1.81
C MET B 400 7.32 -48.36 2.17
N PHE B 401 7.79 -47.63 1.15
CA PHE B 401 8.56 -46.40 1.34
C PHE B 401 8.12 -45.30 0.38
N PHE B 402 8.26 -44.03 0.82
CA PHE B 402 7.96 -42.86 0.00
C PHE B 402 9.02 -41.77 0.20
N ALA B 403 9.82 -41.52 -0.86
CA ALA B 403 10.89 -40.54 -0.88
C ALA B 403 10.82 -39.65 -2.12
N SER B 404 11.24 -38.38 -1.99
CA SER B 404 11.22 -37.36 -3.06
C SER B 404 12.16 -37.66 -4.24
N LYS B 405 13.21 -38.49 -4.02
CA LYS B 405 14.18 -38.84 -5.04
C LYS B 405 14.27 -40.35 -5.30
N PHE B 406 14.85 -40.73 -6.46
CA PHE B 406 15.05 -42.10 -6.94
C PHE B 406 16.48 -42.23 -7.48
N GLU B 407 17.02 -41.10 -7.96
CA GLU B 407 18.34 -40.94 -8.56
C GLU B 407 19.50 -41.39 -7.67
N GLN B 408 19.42 -41.11 -6.35
CA GLN B 408 20.46 -41.48 -5.38
C GLN B 408 20.13 -42.77 -4.58
N LEU B 409 18.84 -43.17 -4.56
CA LEU B 409 18.40 -44.38 -3.83
C LEU B 409 18.58 -45.67 -4.63
N ARG B 410 18.46 -45.61 -5.98
CA ARG B 410 18.65 -46.75 -6.90
C ARG B 410 20.11 -47.23 -6.82
N ASP B 411 21.05 -46.28 -6.70
CA ASP B 411 22.50 -46.51 -6.59
C ASP B 411 22.86 -47.27 -5.32
N TYR B 412 22.11 -47.02 -4.22
CA TYR B 412 22.30 -47.64 -2.90
C TYR B 412 22.06 -49.16 -2.87
N LEU B 413 21.20 -49.70 -3.78
CA LEU B 413 20.87 -51.12 -3.91
C LEU B 413 22.11 -52.02 -4.01
N LYS B 414 23.09 -51.60 -4.85
CA LYS B 414 24.41 -52.23 -5.07
C LYS B 414 24.34 -53.75 -5.38
N SER B 415 23.41 -54.17 -6.26
CA SER B 415 23.26 -55.58 -6.66
C SER B 415 23.56 -55.73 -8.17
N ARG B 416 24.86 -55.65 -8.54
CA ARG B 416 25.34 -55.73 -9.92
C ARG B 416 26.13 -57.00 -10.21
N LYS B 417 25.53 -57.92 -10.99
CA LYS B 417 26.11 -59.21 -11.40
C LYS B 417 25.74 -59.52 -12.87
N LYS B 418 26.20 -60.68 -13.40
CA LYS B 418 25.93 -61.12 -14.77
C LYS B 418 24.45 -61.49 -14.96
N GLU B 419 23.88 -62.26 -14.00
CA GLU B 419 22.47 -62.71 -14.02
C GLU B 419 21.92 -62.90 -12.59
N GLY B 420 20.59 -62.83 -12.47
CA GLY B 420 19.89 -63.00 -11.20
C GLY B 420 19.15 -61.76 -10.75
N ALA C 30 4.70 -45.93 -16.16
CA ALA C 30 4.91 -45.42 -14.81
C ALA C 30 5.24 -43.92 -14.81
N ILE C 31 4.55 -43.13 -13.95
CA ILE C 31 4.74 -41.68 -13.84
C ILE C 31 4.95 -41.30 -12.32
N ARG C 32 6.04 -41.85 -11.73
CA ARG C 32 6.51 -41.64 -10.35
C ARG C 32 5.43 -41.92 -9.26
N GLY C 33 4.57 -40.92 -8.99
CA GLY C 33 3.50 -40.98 -7.99
C GLY C 33 3.54 -39.85 -6.98
N VAL C 34 2.37 -39.29 -6.62
CA VAL C 34 2.24 -38.19 -5.66
C VAL C 34 1.46 -38.63 -4.39
N LEU C 35 2.11 -38.55 -3.21
CA LEU C 35 1.51 -38.92 -1.92
C LEU C 35 0.59 -37.80 -1.43
N ILE C 36 -0.59 -38.17 -0.90
CA ILE C 36 -1.59 -37.26 -0.36
C ILE C 36 -1.94 -37.65 1.08
N GLU C 37 -1.64 -36.75 2.04
CA GLU C 37 -1.98 -36.93 3.45
C GLU C 37 -3.25 -36.13 3.70
N CYS C 38 -4.26 -36.80 4.25
CA CYS C 38 -5.57 -36.22 4.55
C CYS C 38 -6.16 -36.93 5.76
N GLU C 39 -7.42 -36.62 6.11
CA GLU C 39 -8.14 -37.26 7.19
C GLU C 39 -9.10 -38.27 6.55
N PRO C 40 -9.53 -39.38 7.24
CA PRO C 40 -10.40 -40.38 6.58
C PRO C 40 -11.67 -39.84 5.91
N ALA C 41 -12.14 -38.63 6.30
CA ALA C 41 -13.31 -37.99 5.71
C ALA C 41 -13.03 -37.57 4.26
N ILE C 42 -11.82 -37.01 4.00
CA ILE C 42 -11.37 -36.57 2.67
C ILE C 42 -10.99 -37.79 1.83
N LYS C 43 -10.26 -38.76 2.45
CA LYS C 43 -9.83 -40.01 1.81
C LYS C 43 -11.03 -40.76 1.19
N SER C 44 -12.18 -40.82 1.92
CA SER C 44 -13.43 -41.46 1.49
C SER C 44 -14.03 -40.76 0.27
N ILE C 45 -13.82 -39.44 0.15
CA ILE C 45 -14.28 -38.61 -0.97
C ILE C 45 -13.32 -38.79 -2.17
N ILE C 46 -12.04 -39.15 -1.91
CA ILE C 46 -11.03 -39.40 -2.96
C ILE C 46 -11.31 -40.76 -3.64
N VAL C 47 -11.61 -41.82 -2.85
CA VAL C 47 -11.94 -43.16 -3.35
C VAL C 47 -13.31 -43.12 -4.06
N HIS C 48 -14.19 -42.20 -3.63
CA HIS C 48 -15.53 -41.95 -4.18
C HIS C 48 -15.44 -41.53 -5.66
N LEU C 49 -14.40 -40.76 -6.03
CA LEU C 49 -14.14 -40.30 -7.39
C LEU C 49 -13.40 -41.37 -8.20
N ASP C 50 -12.68 -42.27 -7.50
CA ASP C 50 -11.92 -43.37 -8.11
C ASP C 50 -12.84 -44.45 -8.67
N SER C 51 -14.07 -44.59 -8.09
CA SER C 51 -15.10 -45.55 -8.52
C SER C 51 -15.53 -45.26 -9.96
N ILE C 52 -15.51 -43.96 -10.35
CA ILE C 52 -15.82 -43.47 -11.70
C ILE C 52 -14.60 -43.84 -12.57
N ASN C 53 -14.85 -44.54 -13.71
CA ASN C 53 -13.86 -45.05 -14.67
C ASN C 53 -12.98 -46.16 -14.02
N HIS C 54 -11.64 -46.02 -14.05
CA HIS C 54 -10.70 -47.00 -13.47
C HIS C 54 -9.35 -46.35 -13.12
N ASP C 55 -9.29 -45.00 -13.02
CA ASP C 55 -8.05 -44.28 -12.70
C ASP C 55 -8.25 -43.16 -11.65
N PHE C 56 -7.15 -42.39 -11.37
CA PHE C 56 -6.98 -41.25 -10.45
C PHE C 56 -6.30 -41.64 -9.11
N ILE C 57 -6.04 -42.95 -8.88
CA ILE C 57 -5.35 -43.51 -7.70
C ILE C 57 -4.39 -44.60 -8.16
N ILE C 58 -3.13 -44.56 -7.70
CA ILE C 58 -2.14 -45.57 -8.09
C ILE C 58 -1.95 -46.63 -6.98
N GLU C 59 -2.11 -46.24 -5.68
CA GLU C 59 -1.97 -47.14 -4.51
C GLU C 59 -2.56 -46.53 -3.22
N ASP C 60 -3.28 -47.37 -2.43
CA ASP C 60 -3.86 -47.01 -1.13
C ASP C 60 -2.87 -47.48 -0.07
N LEU C 61 -2.59 -46.65 0.96
CA LEU C 61 -1.62 -47.01 1.99
C LEU C 61 -2.23 -47.09 3.40
N ASP C 62 -2.42 -45.93 4.07
CA ASP C 62 -2.99 -45.84 5.41
C ASP C 62 -4.39 -45.26 5.36
N ASP C 63 -5.02 -45.08 6.54
CA ASP C 63 -6.34 -44.46 6.66
C ASP C 63 -6.25 -42.93 6.48
N HIS C 64 -5.00 -42.41 6.48
CA HIS C 64 -4.66 -40.99 6.30
C HIS C 64 -3.89 -40.72 5.01
N HIS C 65 -3.08 -41.70 4.53
CA HIS C 65 -2.23 -41.55 3.35
C HIS C 65 -2.67 -42.40 2.16
N LEU C 66 -2.29 -41.96 0.93
CA LEU C 66 -2.52 -42.62 -0.36
C LEU C 66 -1.69 -41.98 -1.48
N VAL C 67 -1.37 -42.74 -2.55
CA VAL C 67 -0.59 -42.24 -3.69
C VAL C 67 -1.50 -42.08 -4.92
N VAL C 68 -1.50 -40.87 -5.50
CA VAL C 68 -2.31 -40.46 -6.66
C VAL C 68 -1.40 -40.08 -7.84
N LYS C 69 -1.89 -40.29 -9.09
CA LYS C 69 -1.18 -39.98 -10.35
C LYS C 69 -0.79 -38.50 -10.44
N GLU C 70 0.40 -38.22 -11.03
CA GLU C 70 1.05 -36.92 -11.18
C GLU C 70 0.12 -35.74 -11.62
N ASN C 71 -0.30 -35.70 -12.90
CA ASN C 71 -1.13 -34.60 -13.44
C ASN C 71 -2.58 -34.63 -12.94
N MET C 72 -3.08 -35.81 -12.56
CA MET C 72 -4.44 -36.04 -12.07
C MET C 72 -4.74 -35.37 -10.71
N VAL C 73 -3.69 -34.92 -9.98
CA VAL C 73 -3.77 -34.24 -8.68
C VAL C 73 -4.58 -32.95 -8.80
N GLN C 74 -4.21 -32.06 -9.77
CA GLN C 74 -4.90 -30.79 -10.03
C GLN C 74 -6.35 -30.98 -10.49
N ILE C 75 -6.64 -32.08 -11.21
CA ILE C 75 -7.98 -32.43 -11.69
C ILE C 75 -8.82 -32.85 -10.47
N LEU C 76 -8.20 -33.64 -9.56
CA LEU C 76 -8.81 -34.14 -8.33
C LEU C 76 -9.02 -33.03 -7.29
N LYS C 77 -8.09 -32.03 -7.25
CA LYS C 77 -8.12 -30.87 -6.34
C LYS C 77 -9.38 -30.03 -6.51
N GLN C 78 -9.72 -29.67 -7.78
CA GLN C 78 -10.91 -28.90 -8.10
C GLN C 78 -12.16 -29.76 -7.86
N LYS C 79 -12.10 -31.06 -8.25
CA LYS C 79 -13.19 -32.04 -8.06
C LYS C 79 -13.49 -32.32 -6.59
N LEU C 80 -12.50 -32.08 -5.69
CA LEU C 80 -12.67 -32.25 -4.25
C LEU C 80 -13.45 -31.06 -3.69
N GLU C 81 -13.16 -29.84 -4.17
CA GLU C 81 -13.86 -28.62 -3.75
C GLU C 81 -15.26 -28.59 -4.36
N ASP C 82 -15.43 -29.18 -5.58
CA ASP C 82 -16.71 -29.27 -6.30
C ASP C 82 -17.73 -30.16 -5.58
N ARG C 83 -17.26 -31.08 -4.73
CA ARG C 83 -18.12 -31.95 -3.92
C ARG C 83 -18.22 -31.39 -2.50
N LEU C 84 -17.21 -30.60 -2.07
CA LEU C 84 -17.17 -29.94 -0.77
C LEU C 84 -18.20 -28.80 -0.74
N ARG C 85 -18.41 -28.14 -1.91
CA ARG C 85 -19.39 -27.06 -2.06
C ARG C 85 -20.84 -27.61 -2.06
N GLU C 86 -21.00 -28.89 -2.44
CA GLU C 86 -22.29 -29.59 -2.45
C GLU C 86 -22.70 -29.96 -1.02
N THR C 87 -21.70 -30.11 -0.13
CA THR C 87 -21.87 -30.44 1.29
C THR C 87 -21.45 -29.24 2.17
N TYR C 88 -22.23 -28.14 2.10
CA TYR C 88 -21.95 -26.96 2.91
C TYR C 88 -22.74 -26.95 4.20
N ARG C 89 -22.10 -26.42 5.25
CA ARG C 89 -22.66 -26.26 6.59
C ARG C 89 -21.86 -25.12 7.26
N PRO C 90 -22.39 -23.86 7.28
CA PRO C 90 -21.63 -22.74 7.88
C PRO C 90 -20.68 -23.13 9.00
N GLU C 91 -19.38 -23.10 8.67
CA GLU C 91 -18.22 -23.48 9.48
C GLU C 91 -18.36 -23.17 10.97
N GLU C 92 -18.63 -24.22 11.75
CA GLU C 92 -18.80 -24.19 13.20
C GLU C 92 -17.50 -24.44 14.01
N PRO C 93 -16.43 -25.15 13.50
CA PRO C 93 -15.23 -25.38 14.35
C PRO C 93 -14.62 -24.14 15.01
N LEU C 94 -14.93 -23.99 16.31
CA LEU C 94 -14.45 -22.95 17.23
C LEU C 94 -13.76 -23.65 18.40
N ALA C 95 -14.26 -24.85 18.79
CA ALA C 95 -13.72 -25.69 19.85
C ALA C 95 -12.95 -26.87 19.27
#